data_2I1T
#
_entry.id   2I1T
#
_entity_poly.entity_id   1
_entity_poly.type   'polypeptide(L)'
_entity_poly.pdbx_seq_one_letter_code
;DGECGGFWWKCGRGKPPCCKGYACSKTWGWCAVEAP
;
_entity_poly.pdbx_strand_id   A
#
# COMPACT_ATOMS: atom_id res chain seq x y z
N ASP A 1 11.13 -1.57 -13.08
CA ASP A 1 10.39 -0.30 -12.81
C ASP A 1 9.00 -0.62 -12.21
N GLY A 2 8.98 -1.21 -11.05
CA GLY A 2 7.68 -1.55 -10.39
C GLY A 2 6.95 -0.26 -10.01
N GLU A 3 5.64 -0.22 -10.19
CA GLU A 3 4.87 1.01 -9.84
C GLU A 3 4.75 1.15 -8.32
N CYS A 4 4.59 2.35 -7.83
CA CYS A 4 4.49 2.57 -6.36
C CYS A 4 3.32 3.52 -6.06
N GLY A 5 2.75 3.41 -4.89
CA GLY A 5 1.61 4.29 -4.51
C GLY A 5 2.12 5.53 -3.79
N GLY A 6 1.74 5.72 -2.56
CA GLY A 6 2.19 6.91 -1.79
C GLY A 6 2.31 6.53 -0.32
N PHE A 7 1.98 7.43 0.57
CA PHE A 7 2.07 7.12 2.03
C PHE A 7 0.74 6.55 2.54
N TRP A 8 -0.36 7.05 2.06
CA TRP A 8 -1.69 6.54 2.51
C TRP A 8 -2.65 6.46 1.32
N TRP A 9 -2.42 5.54 0.42
CA TRP A 9 -3.31 5.41 -0.77
C TRP A 9 -4.36 4.33 -0.52
N LYS A 10 -5.38 4.26 -1.33
CA LYS A 10 -6.43 3.21 -1.11
C LYS A 10 -6.13 1.95 -1.91
N CYS A 11 -6.25 0.81 -1.30
CA CYS A 11 -5.98 -0.47 -2.03
C CYS A 11 -6.83 -1.62 -1.45
N GLY A 12 -7.03 -2.67 -2.20
CA GLY A 12 -7.83 -3.82 -1.70
C GLY A 12 -6.93 -4.78 -0.94
N ARG A 13 -6.76 -5.99 -1.44
CA ARG A 13 -5.87 -6.98 -0.75
C ARG A 13 -4.45 -6.88 -1.31
N GLY A 14 -4.05 -5.70 -1.75
CA GLY A 14 -2.68 -5.54 -2.31
C GLY A 14 -2.76 -5.54 -3.85
N LYS A 15 -3.80 -4.92 -4.39
CA LYS A 15 -3.93 -4.88 -5.88
C LYS A 15 -2.93 -3.90 -6.50
N PRO A 16 -2.99 -2.66 -6.07
CA PRO A 16 -2.07 -1.62 -6.58
C PRO A 16 -0.67 -1.82 -5.98
N PRO A 17 0.34 -1.74 -6.82
CA PRO A 17 1.73 -1.93 -6.35
C PRO A 17 2.19 -0.72 -5.51
N CYS A 18 2.27 -0.89 -4.22
CA CYS A 18 2.72 0.25 -3.35
C CYS A 18 4.24 0.43 -3.49
N CYS A 19 4.79 1.43 -2.84
CA CYS A 19 6.26 1.68 -2.96
C CYS A 19 7.03 0.74 -2.01
N LYS A 20 8.31 0.56 -2.24
CA LYS A 20 9.12 -0.33 -1.37
C LYS A 20 9.03 0.10 0.09
N GLY A 21 8.66 -0.80 0.97
CA GLY A 21 8.52 -0.44 2.42
C GLY A 21 7.05 -0.19 2.78
N TYR A 22 6.21 0.05 1.79
CA TYR A 22 4.77 0.30 2.08
C TYR A 22 3.97 -1.00 1.95
N ALA A 23 2.98 -1.20 2.80
CA ALA A 23 2.16 -2.44 2.73
C ALA A 23 0.67 -2.09 2.61
N CYS A 24 -0.06 -2.82 1.82
CA CYS A 24 -1.52 -2.54 1.65
C CYS A 24 -2.33 -3.31 2.69
N SER A 25 -3.53 -2.87 2.95
CA SER A 25 -4.39 -3.56 3.97
C SER A 25 -5.83 -3.68 3.48
N LYS A 26 -6.35 -4.88 3.43
CA LYS A 26 -7.77 -5.08 2.97
C LYS A 26 -8.73 -4.69 4.11
N THR A 27 -8.36 -4.94 5.34
CA THR A 27 -9.23 -4.59 6.50
C THR A 27 -9.27 -3.06 6.65
N TRP A 28 -8.15 -2.42 6.44
CA TRP A 28 -8.09 -0.93 6.55
C TRP A 28 -8.63 -0.30 5.27
N GLY A 29 -8.29 -0.87 4.13
CA GLY A 29 -8.78 -0.33 2.84
C GLY A 29 -7.75 0.64 2.24
N TRP A 30 -6.52 0.62 2.70
CA TRP A 30 -5.49 1.54 2.14
C TRP A 30 -4.08 0.93 2.24
N CYS A 31 -3.10 1.63 1.73
CA CYS A 31 -1.69 1.13 1.77
C CYS A 31 -0.77 2.18 2.40
N ALA A 32 0.01 1.80 3.38
CA ALA A 32 0.94 2.77 4.04
C ALA A 32 2.18 2.04 4.55
N VAL A 33 3.16 2.76 5.03
CA VAL A 33 4.40 2.10 5.55
C VAL A 33 4.05 1.16 6.70
N GLU A 34 4.66 0.00 6.74
CA GLU A 34 4.35 -0.98 7.84
C GLU A 34 5.20 -0.66 9.08
N ALA A 35 4.88 0.40 9.77
CA ALA A 35 5.66 0.77 10.99
C ALA A 35 5.38 -0.23 12.13
N PRO A 36 4.12 -0.40 12.45
CA PRO A 36 3.73 -1.36 13.53
C PRO A 36 3.90 -2.81 13.06
N ASP A 1 4.03 7.88 -10.89
CA ASP A 1 5.38 7.91 -11.49
C ASP A 1 6.18 6.66 -11.12
N GLY A 2 6.17 5.66 -11.97
CA GLY A 2 6.91 4.41 -11.66
C GLY A 2 5.90 3.25 -11.48
N GLU A 3 6.13 2.42 -10.49
CA GLU A 3 5.21 1.26 -10.24
C GLU A 3 5.10 0.99 -8.74
N CYS A 4 4.83 2.01 -7.96
CA CYS A 4 4.71 1.83 -6.48
C CYS A 4 3.69 2.83 -5.91
N GLY A 5 3.09 2.52 -4.79
CA GLY A 5 2.10 3.44 -4.18
C GLY A 5 2.80 4.58 -3.44
N GLY A 6 2.27 5.01 -2.33
CA GLY A 6 2.90 6.12 -1.56
C GLY A 6 2.77 5.85 -0.06
N PHE A 7 2.73 6.89 0.73
CA PHE A 7 2.60 6.71 2.21
C PHE A 7 1.16 6.36 2.61
N TRP A 8 0.19 6.80 1.86
CA TRP A 8 -1.23 6.48 2.19
C TRP A 8 -2.10 6.52 0.93
N TRP A 9 -1.91 5.56 0.06
CA TRP A 9 -2.73 5.52 -1.21
C TRP A 9 -3.89 4.53 -1.04
N LYS A 10 -4.75 4.43 -2.02
CA LYS A 10 -5.90 3.48 -1.90
C LYS A 10 -5.52 2.11 -2.44
N CYS A 11 -5.93 1.06 -1.76
CA CYS A 11 -5.59 -0.31 -2.24
C CYS A 11 -6.67 -1.31 -1.80
N GLY A 12 -6.72 -2.45 -2.45
CA GLY A 12 -7.75 -3.47 -2.07
C GLY A 12 -7.08 -4.59 -1.27
N ARG A 13 -7.15 -5.81 -1.75
CA ARG A 13 -6.51 -6.94 -1.01
C ARG A 13 -5.07 -7.15 -1.49
N GLY A 14 -4.37 -6.08 -1.79
CA GLY A 14 -2.97 -6.20 -2.27
C GLY A 14 -2.94 -6.26 -3.80
N LYS A 15 -3.83 -5.54 -4.45
CA LYS A 15 -3.86 -5.55 -5.95
C LYS A 15 -2.74 -4.66 -6.50
N PRO A 16 -2.78 -3.39 -6.13
CA PRO A 16 -1.74 -2.43 -6.60
C PRO A 16 -0.43 -2.66 -5.82
N PRO A 17 0.66 -2.70 -6.56
CA PRO A 17 1.98 -2.92 -5.94
C PRO A 17 2.43 -1.68 -5.15
N CYS A 18 2.35 -1.74 -3.84
CA CYS A 18 2.77 -0.56 -3.01
C CYS A 18 4.30 -0.43 -3.04
N CYS A 19 4.82 0.69 -2.59
CA CYS A 19 6.30 0.88 -2.59
C CYS A 19 6.96 -0.07 -1.59
N LYS A 20 8.22 -0.38 -1.79
CA LYS A 20 8.94 -1.31 -0.86
C LYS A 20 8.82 -0.83 0.60
N GLY A 21 8.41 -1.72 1.48
CA GLY A 21 8.28 -1.34 2.92
C GLY A 21 6.82 -0.99 3.24
N TYR A 22 6.02 -0.67 2.25
CA TYR A 22 4.59 -0.31 2.51
C TYR A 22 3.70 -1.56 2.46
N ALA A 23 2.63 -1.56 3.20
CA ALA A 23 1.71 -2.74 3.21
C ALA A 23 0.28 -2.29 2.86
N CYS A 24 -0.44 -3.08 2.12
CA CYS A 24 -1.84 -2.69 1.74
C CYS A 24 -2.83 -3.19 2.79
N SER A 25 -4.01 -2.60 2.83
CA SER A 25 -5.04 -3.02 3.82
C SER A 25 -6.43 -3.06 3.17
N LYS A 26 -6.94 -4.23 2.92
CA LYS A 26 -8.30 -4.34 2.30
C LYS A 26 -9.38 -3.97 3.32
N THR A 27 -9.17 -4.27 4.57
CA THR A 27 -10.18 -3.90 5.62
C THR A 27 -10.23 -2.39 5.81
N TRP A 28 -9.10 -1.73 5.71
CA TRP A 28 -9.05 -0.26 5.86
C TRP A 28 -9.39 0.42 4.53
N GLY A 29 -8.90 -0.13 3.44
CA GLY A 29 -9.20 0.45 2.09
C GLY A 29 -8.00 1.26 1.56
N TRP A 30 -6.83 1.11 2.13
CA TRP A 30 -5.66 1.89 1.62
C TRP A 30 -4.33 1.15 1.87
N CYS A 31 -3.25 1.73 1.43
CA CYS A 31 -1.90 1.09 1.63
C CYS A 31 -0.96 2.10 2.27
N ALA A 32 -0.34 1.74 3.37
CA ALA A 32 0.59 2.68 4.07
C ALA A 32 1.83 1.92 4.58
N VAL A 33 2.76 2.62 5.17
CA VAL A 33 3.99 1.96 5.69
C VAL A 33 3.65 1.08 6.90
N GLU A 34 4.20 -0.10 6.97
CA GLU A 34 3.91 -1.01 8.12
C GLU A 34 4.98 -0.85 9.21
N ALA A 35 5.23 0.37 9.64
CA ALA A 35 6.25 0.60 10.70
C ALA A 35 5.63 0.38 12.08
N PRO A 36 6.12 -0.61 12.78
CA PRO A 36 5.60 -0.93 14.13
C PRO A 36 6.02 0.15 15.14
N ASP A 1 4.79 -1.21 -14.72
CA ASP A 1 3.45 -1.78 -14.37
C ASP A 1 3.00 -1.27 -12.99
N GLY A 2 2.67 -0.02 -12.89
CA GLY A 2 2.23 0.55 -11.58
C GLY A 2 3.44 1.10 -10.81
N GLU A 3 3.38 2.34 -10.40
CA GLU A 3 4.52 2.94 -9.64
C GLU A 3 4.40 2.60 -8.15
N CYS A 4 5.16 3.27 -7.32
CA CYS A 4 5.08 2.98 -5.84
C CYS A 4 3.99 3.85 -5.19
N GLY A 5 3.40 3.35 -4.14
CA GLY A 5 2.32 4.11 -3.45
C GLY A 5 2.91 5.23 -2.59
N GLY A 6 2.26 5.58 -1.51
CA GLY A 6 2.77 6.66 -0.63
C GLY A 6 2.59 6.27 0.84
N PHE A 7 2.19 7.21 1.67
CA PHE A 7 1.99 6.90 3.12
C PHE A 7 0.54 6.46 3.40
N TRP A 8 -0.38 6.76 2.51
CA TRP A 8 -1.80 6.35 2.73
C TRP A 8 -2.56 6.40 1.39
N TRP A 9 -2.19 5.56 0.46
CA TRP A 9 -2.88 5.56 -0.88
C TRP A 9 -3.94 4.46 -0.90
N LYS A 10 -4.87 4.51 -1.81
CA LYS A 10 -5.94 3.46 -1.86
C LYS A 10 -5.51 2.30 -2.78
N CYS A 11 -5.70 1.09 -2.33
CA CYS A 11 -5.34 -0.08 -3.18
C CYS A 11 -6.23 -1.29 -2.86
N GLY A 12 -6.17 -2.32 -3.66
CA GLY A 12 -7.01 -3.53 -3.41
C GLY A 12 -6.30 -4.46 -2.42
N ARG A 13 -6.21 -5.73 -2.73
CA ARG A 13 -5.53 -6.70 -1.82
C ARG A 13 -4.04 -6.79 -2.18
N GLY A 14 -3.35 -5.68 -2.20
CA GLY A 14 -1.90 -5.69 -2.55
C GLY A 14 -1.71 -5.81 -4.06
N LYS A 15 -2.59 -5.20 -4.84
CA LYS A 15 -2.45 -5.29 -6.33
C LYS A 15 -1.33 -4.35 -6.81
N PRO A 16 -1.50 -3.07 -6.54
CA PRO A 16 -0.47 -2.07 -6.96
C PRO A 16 0.77 -2.20 -6.07
N PRO A 17 1.93 -2.05 -6.68
CA PRO A 17 3.21 -2.15 -5.93
C PRO A 17 3.41 -0.92 -5.03
N CYS A 18 3.18 -1.06 -3.75
CA CYS A 18 3.37 0.10 -2.82
C CYS A 18 4.86 0.39 -2.67
N CYS A 19 5.21 1.57 -2.19
CA CYS A 19 6.66 1.90 -2.03
C CYS A 19 7.29 0.96 -1.00
N LYS A 20 8.56 0.66 -1.15
CA LYS A 20 9.24 -0.26 -0.19
C LYS A 20 9.04 0.21 1.25
N GLY A 21 8.55 -0.66 2.11
CA GLY A 21 8.33 -0.28 3.54
C GLY A 21 6.83 -0.17 3.83
N TYR A 22 6.03 0.17 2.84
CA TYR A 22 4.56 0.30 3.07
C TYR A 22 3.84 -1.00 2.68
N ALA A 23 2.72 -1.26 3.30
CA ALA A 23 1.95 -2.50 2.99
C ALA A 23 0.48 -2.15 2.67
N CYS A 24 -0.14 -2.90 1.79
CA CYS A 24 -1.57 -2.61 1.44
C CYS A 24 -2.51 -3.42 2.33
N SER A 25 -3.75 -3.01 2.42
CA SER A 25 -4.73 -3.75 3.27
C SER A 25 -6.06 -3.91 2.53
N LYS A 26 -6.50 -5.13 2.34
CA LYS A 26 -7.80 -5.35 1.64
C LYS A 26 -8.95 -4.98 2.57
N THR A 27 -8.86 -5.34 3.83
CA THR A 27 -9.93 -5.00 4.82
C THR A 27 -10.04 -3.48 4.96
N TRP A 28 -8.91 -2.81 4.98
CA TRP A 28 -8.93 -1.32 5.11
C TRP A 28 -9.23 -0.68 3.75
N GLY A 29 -8.58 -1.15 2.71
CA GLY A 29 -8.82 -0.61 1.35
C GLY A 29 -7.73 0.41 0.96
N TRP A 30 -6.60 0.40 1.62
CA TRP A 30 -5.52 1.37 1.26
C TRP A 30 -4.13 0.82 1.58
N CYS A 31 -3.11 1.61 1.37
CA CYS A 31 -1.71 1.18 1.64
C CYS A 31 -1.03 2.20 2.56
N ALA A 32 -0.51 1.76 3.67
CA ALA A 32 0.17 2.71 4.61
C ALA A 32 1.50 2.15 5.09
N VAL A 33 2.25 2.94 5.83
CA VAL A 33 3.58 2.46 6.32
C VAL A 33 3.38 1.47 7.49
N GLU A 34 4.25 0.50 7.61
CA GLU A 34 4.11 -0.50 8.72
C GLU A 34 4.55 0.14 10.05
N ALA A 35 4.00 -0.32 11.14
CA ALA A 35 4.38 0.25 12.47
C ALA A 35 5.84 -0.11 12.81
N PRO A 36 6.66 0.92 12.91
CA PRO A 36 8.10 0.72 13.22
C PRO A 36 8.30 0.38 14.71
N ASP A 1 0.79 -3.53 -12.69
CA ASP A 1 2.21 -3.10 -12.54
C ASP A 1 2.35 -1.63 -12.94
N GLY A 2 2.29 -0.73 -11.98
CA GLY A 2 2.43 0.72 -12.28
C GLY A 2 3.63 1.28 -11.53
N GLU A 3 3.41 2.21 -10.63
CA GLU A 3 4.54 2.81 -9.86
C GLU A 3 4.40 2.49 -8.37
N CYS A 4 5.17 3.13 -7.53
CA CYS A 4 5.08 2.86 -6.07
C CYS A 4 4.03 3.78 -5.42
N GLY A 5 3.45 3.36 -4.33
CA GLY A 5 2.42 4.20 -3.66
C GLY A 5 3.08 5.27 -2.80
N GLY A 6 2.44 5.67 -1.72
CA GLY A 6 3.02 6.71 -0.84
C GLY A 6 2.96 6.24 0.62
N PHE A 7 2.66 7.13 1.54
CA PHE A 7 2.58 6.73 2.98
C PHE A 7 1.15 6.30 3.35
N TRP A 8 0.16 6.71 2.60
CA TRP A 8 -1.24 6.31 2.91
C TRP A 8 -2.10 6.41 1.64
N TRP A 9 -1.87 5.53 0.70
CA TRP A 9 -2.65 5.56 -0.58
C TRP A 9 -3.76 4.49 -0.52
N LYS A 10 -4.63 4.44 -1.50
CA LYS A 10 -5.72 3.42 -1.48
C LYS A 10 -5.25 2.14 -2.18
N CYS A 11 -5.57 1.00 -1.62
CA CYS A 11 -5.15 -0.28 -2.25
C CYS A 11 -6.17 -1.38 -1.93
N GLY A 12 -6.15 -2.46 -2.68
CA GLY A 12 -7.11 -3.58 -2.42
C GLY A 12 -6.38 -4.70 -1.68
N ARG A 13 -6.29 -5.85 -2.29
CA ARG A 13 -5.58 -7.01 -1.64
C ARG A 13 -4.10 -7.01 -2.06
N GLY A 14 -3.54 -5.87 -2.35
CA GLY A 14 -2.11 -5.81 -2.78
C GLY A 14 -2.03 -5.70 -4.30
N LYS A 15 -2.98 -5.05 -4.92
CA LYS A 15 -2.95 -4.90 -6.42
C LYS A 15 -1.85 -3.91 -6.83
N PRO A 16 -1.95 -2.70 -6.33
CA PRO A 16 -0.94 -1.66 -6.66
C PRO A 16 0.34 -1.91 -5.86
N PRO A 17 1.46 -1.87 -6.55
CA PRO A 17 2.76 -2.10 -5.88
C PRO A 17 3.12 -0.90 -4.99
N CYS A 18 2.92 -1.01 -3.71
CA CYS A 18 3.25 0.13 -2.79
C CYS A 18 4.77 0.33 -2.74
N CYS A 19 5.20 1.49 -2.31
CA CYS A 19 6.67 1.76 -2.24
C CYS A 19 7.33 0.82 -1.21
N LYS A 20 8.61 0.57 -1.35
CA LYS A 20 9.31 -0.34 -0.39
C LYS A 20 9.13 0.15 1.05
N GLY A 21 8.70 -0.71 1.93
CA GLY A 21 8.50 -0.31 3.35
C GLY A 21 7.00 -0.15 3.64
N TYR A 22 6.22 0.18 2.64
CA TYR A 22 4.75 0.34 2.85
C TYR A 22 4.01 -0.96 2.53
N ALA A 23 2.99 -1.28 3.28
CA ALA A 23 2.22 -2.54 3.03
C ALA A 23 0.76 -2.20 2.73
N CYS A 24 0.11 -2.99 1.92
CA CYS A 24 -1.33 -2.72 1.59
C CYS A 24 -2.25 -3.39 2.61
N SER A 25 -3.48 -2.94 2.68
CA SER A 25 -4.44 -3.54 3.66
C SER A 25 -5.83 -3.67 3.03
N LYS A 26 -6.20 -4.86 2.62
CA LYS A 26 -7.55 -5.06 2.01
C LYS A 26 -8.63 -4.89 3.08
N THR A 27 -8.35 -5.33 4.29
CA THR A 27 -9.34 -5.21 5.40
C THR A 27 -9.64 -3.72 5.67
N TRP A 28 -8.63 -2.89 5.60
CA TRP A 28 -8.84 -1.43 5.85
C TRP A 28 -9.24 -0.72 4.56
N GLY A 29 -8.50 -0.93 3.49
CA GLY A 29 -8.83 -0.29 2.19
C GLY A 29 -7.72 0.67 1.74
N TRP A 30 -6.55 0.58 2.31
CA TRP A 30 -5.45 1.51 1.89
C TRP A 30 -4.06 0.86 2.06
N CYS A 31 -3.01 1.59 1.77
CA CYS A 31 -1.64 1.04 1.91
C CYS A 31 -0.76 2.02 2.70
N ALA A 32 -0.13 1.55 3.75
CA ALA A 32 0.75 2.43 4.57
C ALA A 32 1.87 1.60 5.21
N VAL A 33 2.82 2.25 5.86
CA VAL A 33 3.95 1.50 6.51
C VAL A 33 3.39 0.48 7.49
N GLU A 34 3.89 -0.73 7.46
CA GLU A 34 3.39 -1.79 8.38
C GLU A 34 3.92 -1.58 9.81
N ALA A 35 5.22 -1.64 9.98
CA ALA A 35 5.80 -1.44 11.34
C ALA A 35 6.62 -0.15 11.39
N PRO A 36 6.67 0.44 12.57
CA PRO A 36 7.44 1.71 12.75
C PRO A 36 8.95 1.43 12.73
N ASP A 1 2.08 -2.11 -14.74
CA ASP A 1 2.42 -2.19 -13.29
C ASP A 1 3.93 -2.01 -13.08
N GLY A 2 4.32 -1.37 -12.01
CA GLY A 2 5.78 -1.16 -11.74
C GLY A 2 5.99 0.28 -11.27
N GLU A 3 5.32 0.67 -10.21
CA GLU A 3 5.49 2.05 -9.68
C GLU A 3 5.39 2.05 -8.15
N CYS A 4 5.30 3.22 -7.54
CA CYS A 4 5.21 3.28 -6.06
C CYS A 4 4.04 4.18 -5.63
N GLY A 5 3.51 3.94 -4.47
CA GLY A 5 2.36 4.75 -3.97
C GLY A 5 2.91 5.92 -3.14
N GLY A 6 2.43 6.05 -1.92
CA GLY A 6 2.92 7.16 -1.05
C GLY A 6 2.90 6.70 0.41
N PHE A 7 2.54 7.57 1.32
CA PHE A 7 2.50 7.18 2.77
C PHE A 7 1.11 6.66 3.14
N TRP A 8 0.08 7.18 2.52
CA TRP A 8 -1.31 6.72 2.83
C TRP A 8 -2.16 6.74 1.56
N TRP A 9 -1.90 5.85 0.64
CA TRP A 9 -2.68 5.80 -0.63
C TRP A 9 -3.74 4.70 -0.56
N LYS A 10 -4.58 4.59 -1.56
CA LYS A 10 -5.63 3.53 -1.53
C LYS A 10 -5.12 2.24 -2.16
N CYS A 11 -5.42 1.11 -1.56
CA CYS A 11 -4.96 -0.18 -2.12
C CYS A 11 -5.94 -1.30 -1.76
N GLY A 12 -5.89 -2.40 -2.47
CA GLY A 12 -6.80 -3.54 -2.15
C GLY A 12 -6.05 -4.59 -1.33
N ARG A 13 -5.88 -5.77 -1.85
CA ARG A 13 -5.13 -6.83 -1.10
C ARG A 13 -3.63 -6.77 -1.46
N GLY A 14 -3.17 -5.65 -1.95
CA GLY A 14 -1.73 -5.51 -2.33
C GLY A 14 -1.61 -5.53 -3.85
N LYS A 15 -2.57 -4.98 -4.56
CA LYS A 15 -2.51 -4.97 -6.05
C LYS A 15 -1.54 -3.89 -6.55
N PRO A 16 -1.76 -2.66 -6.12
CA PRO A 16 -0.88 -1.54 -6.54
C PRO A 16 0.46 -1.62 -5.79
N PRO A 17 1.53 -1.48 -6.55
CA PRO A 17 2.89 -1.55 -5.94
C PRO A 17 3.17 -0.29 -5.11
N CYS A 18 3.13 -0.42 -3.80
CA CYS A 18 3.41 0.77 -2.92
C CYS A 18 4.92 1.04 -2.90
N CYS A 19 5.32 2.18 -2.39
CA CYS A 19 6.79 2.50 -2.36
C CYS A 19 7.52 1.52 -1.44
N LYS A 20 8.83 1.48 -1.53
CA LYS A 20 9.61 0.54 -0.67
C LYS A 20 9.46 0.92 0.81
N GLY A 21 9.06 0.01 1.64
CA GLY A 21 8.90 0.31 3.09
C GLY A 21 7.41 0.54 3.43
N TYR A 22 6.51 0.35 2.47
CA TYR A 22 5.06 0.56 2.75
C TYR A 22 4.31 -0.76 2.55
N ALA A 23 3.23 -0.96 3.25
CA ALA A 23 2.46 -2.23 3.08
C ALA A 23 0.98 -1.93 2.81
N CYS A 24 0.33 -2.76 2.04
CA CYS A 24 -1.11 -2.53 1.72
C CYS A 24 -2.00 -3.21 2.78
N SER A 25 -3.25 -2.80 2.83
CA SER A 25 -4.18 -3.41 3.83
C SER A 25 -5.57 -3.63 3.21
N LYS A 26 -5.96 -4.88 3.06
CA LYS A 26 -7.31 -5.17 2.47
C LYS A 26 -8.41 -4.85 3.48
N THR A 27 -8.20 -5.17 4.73
CA THR A 27 -9.23 -4.89 5.77
C THR A 27 -9.43 -3.38 5.94
N TRP A 28 -8.37 -2.63 5.84
CA TRP A 28 -8.47 -1.15 5.99
C TRP A 28 -8.87 -0.51 4.65
N GLY A 29 -8.24 -0.89 3.58
CA GLY A 29 -8.60 -0.33 2.24
C GLY A 29 -7.55 0.68 1.77
N TRP A 30 -6.36 0.64 2.31
CA TRP A 30 -5.31 1.61 1.85
C TRP A 30 -3.89 1.01 2.00
N CYS A 31 -2.88 1.79 1.71
CA CYS A 31 -1.48 1.29 1.83
C CYS A 31 -0.60 2.30 2.58
N ALA A 32 0.03 1.87 3.64
CA ALA A 32 0.91 2.78 4.42
C ALA A 32 2.07 1.97 5.06
N VAL A 33 3.06 2.64 5.59
CA VAL A 33 4.20 1.90 6.23
C VAL A 33 3.66 0.96 7.31
N GLU A 34 4.26 -0.20 7.45
CA GLU A 34 3.78 -1.18 8.48
C GLU A 34 3.92 -0.60 9.88
N ALA A 35 2.82 -0.14 10.44
CA ALA A 35 2.87 0.45 11.82
C ALA A 35 2.95 -0.67 12.88
N PRO A 36 2.00 -1.58 12.86
CA PRO A 36 1.99 -2.69 13.84
C PRO A 36 3.13 -3.68 13.56
N ASP A 1 11.31 4.01 -12.22
CA ASP A 1 10.12 3.66 -11.39
C ASP A 1 10.02 2.14 -11.19
N GLY A 2 9.32 1.70 -10.18
CA GLY A 2 9.19 0.24 -9.93
C GLY A 2 7.79 -0.09 -9.40
N GLU A 3 6.76 0.49 -10.00
CA GLU A 3 5.36 0.24 -9.56
C GLU A 3 5.19 0.53 -8.06
N CYS A 4 4.90 1.76 -7.73
CA CYS A 4 4.72 2.15 -6.29
C CYS A 4 3.55 3.12 -6.11
N GLY A 5 3.04 3.22 -4.91
CA GLY A 5 1.90 4.15 -4.65
C GLY A 5 2.40 5.37 -3.87
N GLY A 6 2.01 5.51 -2.63
CA GLY A 6 2.46 6.67 -1.82
C GLY A 6 2.44 6.28 -0.34
N PHE A 7 2.19 7.23 0.54
CA PHE A 7 2.17 6.91 2.01
C PHE A 7 0.75 6.51 2.44
N TRP A 8 -0.25 7.12 1.88
CA TRP A 8 -1.66 6.77 2.24
C TRP A 8 -2.51 6.69 0.97
N TRP A 9 -2.40 5.60 0.24
CA TRP A 9 -3.17 5.46 -1.03
C TRP A 9 -4.28 4.42 -0.85
N LYS A 10 -5.21 4.35 -1.77
CA LYS A 10 -6.32 3.34 -1.64
C LYS A 10 -5.96 2.05 -2.38
N CYS A 11 -6.25 0.93 -1.77
CA CYS A 11 -5.96 -0.37 -2.43
C CYS A 11 -6.95 -1.45 -1.97
N GLY A 12 -6.99 -2.57 -2.65
CA GLY A 12 -7.93 -3.66 -2.25
C GLY A 12 -7.18 -4.69 -1.40
N ARG A 13 -7.11 -5.92 -1.85
CA ARG A 13 -6.37 -6.97 -1.07
C ARG A 13 -4.90 -7.03 -1.51
N GLY A 14 -4.30 -5.89 -1.77
CA GLY A 14 -2.88 -5.86 -2.22
C GLY A 14 -2.81 -5.89 -3.74
N LYS A 15 -3.71 -5.21 -4.41
CA LYS A 15 -3.70 -5.18 -5.90
C LYS A 15 -2.67 -4.17 -6.43
N PRO A 16 -2.79 -2.94 -6.00
CA PRO A 16 -1.84 -1.88 -6.45
C PRO A 16 -0.52 -2.01 -5.69
N PRO A 17 0.57 -2.09 -6.44
CA PRO A 17 1.91 -2.23 -5.83
C PRO A 17 2.34 -0.91 -5.18
N CYS A 18 2.49 -0.91 -3.88
CA CYS A 18 2.92 0.35 -3.19
C CYS A 18 4.44 0.47 -3.23
N CYS A 19 4.99 1.52 -2.64
CA CYS A 19 6.47 1.70 -2.64
C CYS A 19 7.13 0.68 -1.71
N LYS A 20 8.40 0.41 -1.90
CA LYS A 20 9.11 -0.57 -1.02
C LYS A 20 8.96 -0.15 0.45
N GLY A 21 8.42 -1.03 1.27
CA GLY A 21 8.23 -0.69 2.72
C GLY A 21 6.74 -0.40 2.99
N TYR A 22 6.02 0.05 1.98
CA TYR A 22 4.56 0.34 2.17
C TYR A 22 3.75 -0.92 1.88
N ALA A 23 2.77 -1.21 2.70
CA ALA A 23 1.93 -2.43 2.47
C ALA A 23 0.45 -2.05 2.36
N CYS A 24 -0.30 -2.78 1.59
CA CYS A 24 -1.75 -2.47 1.43
C CYS A 24 -2.57 -3.20 2.49
N SER A 25 -3.76 -2.72 2.75
CA SER A 25 -4.62 -3.36 3.79
C SER A 25 -6.07 -3.46 3.29
N LYS A 26 -6.55 -4.66 3.07
CA LYS A 26 -7.96 -4.81 2.59
C LYS A 26 -8.93 -4.46 3.73
N THR A 27 -8.60 -4.87 4.94
CA THR A 27 -9.48 -4.55 6.11
C THR A 27 -9.57 -3.03 6.30
N TRP A 28 -8.48 -2.34 6.09
CA TRP A 28 -8.48 -0.85 6.24
C TRP A 28 -9.01 -0.21 4.95
N GLY A 29 -8.60 -0.72 3.82
CA GLY A 29 -9.07 -0.16 2.51
C GLY A 29 -8.01 0.78 1.92
N TRP A 30 -6.79 0.75 2.41
CA TRP A 30 -5.73 1.66 1.86
C TRP A 30 -4.34 1.03 2.01
N CYS A 31 -3.33 1.72 1.56
CA CYS A 31 -1.93 1.20 1.68
C CYS A 31 -1.03 2.22 2.37
N ALA A 32 -0.34 1.81 3.40
CA ALA A 32 0.58 2.75 4.13
C ALA A 32 1.77 1.97 4.68
N VAL A 33 2.73 2.67 5.26
CA VAL A 33 3.93 1.97 5.82
C VAL A 33 3.52 0.99 6.94
N GLU A 34 4.19 -0.13 7.05
CA GLU A 34 3.84 -1.12 8.11
C GLU A 34 4.81 -0.97 9.29
N ALA A 35 4.79 0.16 9.94
CA ALA A 35 5.71 0.38 11.10
C ALA A 35 4.95 0.20 12.42
N PRO A 36 5.32 -0.83 13.14
CA PRO A 36 4.67 -1.12 14.45
C PRO A 36 5.09 -0.09 15.51
N ASP A 1 2.57 -5.75 -12.94
CA ASP A 1 2.73 -4.31 -13.32
C ASP A 1 2.26 -3.40 -12.17
N GLY A 2 2.40 -2.11 -12.34
CA GLY A 2 1.97 -1.16 -11.27
C GLY A 2 3.20 -0.50 -10.63
N GLU A 3 3.13 0.78 -10.39
CA GLU A 3 4.30 1.50 -9.77
C GLU A 3 4.17 1.51 -8.24
N CYS A 4 4.96 2.31 -7.57
CA CYS A 4 4.88 2.36 -6.09
C CYS A 4 3.83 3.38 -5.64
N GLY A 5 3.24 3.17 -4.50
CA GLY A 5 2.22 4.12 -3.98
C GLY A 5 2.89 5.28 -3.26
N GLY A 6 2.39 5.66 -2.11
CA GLY A 6 2.99 6.78 -1.34
C GLY A 6 2.86 6.52 0.16
N PHE A 7 2.70 7.55 0.95
CA PHE A 7 2.57 7.35 2.44
C PHE A 7 1.16 6.85 2.81
N TRP A 8 0.16 7.22 2.04
CA TRP A 8 -1.23 6.76 2.37
C TRP A 8 -2.08 6.72 1.09
N TRP A 9 -1.84 5.76 0.23
CA TRP A 9 -2.63 5.65 -1.03
C TRP A 9 -3.68 4.54 -0.88
N LYS A 10 -4.54 4.37 -1.86
CA LYS A 10 -5.57 3.30 -1.76
C LYS A 10 -5.03 1.99 -2.33
N CYS A 11 -5.41 0.88 -1.76
CA CYS A 11 -4.92 -0.43 -2.27
C CYS A 11 -5.94 -1.53 -2.00
N GLY A 12 -5.85 -2.62 -2.72
CA GLY A 12 -6.80 -3.75 -2.51
C GLY A 12 -6.16 -4.78 -1.58
N ARG A 13 -6.06 -6.01 -2.02
CA ARG A 13 -5.42 -7.06 -1.17
C ARG A 13 -3.92 -7.10 -1.43
N GLY A 14 -3.52 -6.93 -2.66
CA GLY A 14 -2.08 -6.93 -3.01
C GLY A 14 -1.90 -6.53 -4.47
N LYS A 15 -2.71 -5.62 -4.96
CA LYS A 15 -2.59 -5.19 -6.39
C LYS A 15 -1.61 -4.01 -6.51
N PRO A 16 -2.00 -2.86 -6.01
CA PRO A 16 -1.11 -1.66 -6.07
C PRO A 16 -0.02 -1.77 -5.00
N PRO A 17 1.21 -1.93 -5.46
CA PRO A 17 2.35 -2.05 -4.52
C PRO A 17 2.73 -0.68 -3.95
N CYS A 18 2.59 -0.51 -2.65
CA CYS A 18 2.97 0.81 -2.02
C CYS A 18 4.50 0.97 -2.11
N CYS A 19 4.98 2.19 -2.04
CA CYS A 19 6.47 2.40 -2.13
C CYS A 19 7.18 1.69 -0.98
N LYS A 20 8.42 1.31 -1.18
CA LYS A 20 9.20 0.58 -0.12
C LYS A 20 9.01 1.25 1.25
N GLY A 21 8.63 0.48 2.24
CA GLY A 21 8.41 1.06 3.60
C GLY A 21 6.92 1.09 3.93
N TYR A 22 6.08 1.20 2.93
CA TYR A 22 4.60 1.24 3.18
C TYR A 22 3.97 -0.11 2.81
N ALA A 23 3.19 -0.67 3.69
CA ALA A 23 2.52 -1.97 3.40
C ALA A 23 1.06 -1.73 3.01
N CYS A 24 0.50 -2.55 2.15
CA CYS A 24 -0.92 -2.36 1.74
C CYS A 24 -1.86 -3.10 2.68
N SER A 25 -3.10 -2.71 2.72
CA SER A 25 -4.08 -3.39 3.62
C SER A 25 -5.46 -3.48 2.98
N LYS A 26 -5.98 -4.68 2.83
CA LYS A 26 -7.34 -4.85 2.23
C LYS A 26 -8.40 -4.48 3.27
N THR A 27 -8.20 -4.89 4.50
CA THR A 27 -9.18 -4.56 5.59
C THR A 27 -9.32 -3.04 5.71
N TRP A 28 -8.23 -2.34 5.55
CA TRP A 28 -8.27 -0.85 5.64
C TRP A 28 -8.65 -0.27 4.27
N GLY A 29 -8.16 -0.87 3.21
CA GLY A 29 -8.48 -0.38 1.83
C GLY A 29 -7.40 0.60 1.35
N TRP A 30 -6.25 0.62 1.99
CA TRP A 30 -5.17 1.56 1.54
C TRP A 30 -3.78 1.00 1.88
N CYS A 31 -2.73 1.70 1.51
CA CYS A 31 -1.36 1.22 1.83
C CYS A 31 -0.54 2.36 2.46
N ALA A 32 0.05 2.10 3.60
CA ALA A 32 0.86 3.14 4.31
C ALA A 32 1.99 2.48 5.12
N VAL A 33 2.77 3.26 5.83
CA VAL A 33 3.89 2.66 6.64
C VAL A 33 3.34 1.68 7.66
N GLU A 34 3.98 0.54 7.82
CA GLU A 34 3.50 -0.47 8.81
C GLU A 34 4.51 -0.61 9.96
N ALA A 35 4.13 -0.18 11.14
CA ALA A 35 5.05 -0.29 12.32
C ALA A 35 5.25 -1.75 12.73
N PRO A 36 4.17 -2.45 12.97
CA PRO A 36 4.26 -3.89 13.37
C PRO A 36 4.70 -4.76 12.19
N ASP A 1 10.58 4.14 -7.64
CA ASP A 1 10.18 2.81 -8.19
C ASP A 1 9.32 2.99 -9.44
N GLY A 2 9.33 2.02 -10.33
CA GLY A 2 8.50 2.11 -11.58
C GLY A 2 7.02 2.12 -11.20
N GLU A 3 6.57 1.10 -10.51
CA GLU A 3 5.13 1.04 -10.10
C GLU A 3 5.02 1.21 -8.59
N CYS A 4 4.62 2.37 -8.14
CA CYS A 4 4.50 2.62 -6.67
C CYS A 4 3.30 3.54 -6.37
N GLY A 5 2.83 3.53 -5.15
CA GLY A 5 1.68 4.40 -4.78
C GLY A 5 2.19 5.57 -3.93
N GLY A 6 1.84 5.60 -2.67
CA GLY A 6 2.30 6.71 -1.78
C GLY A 6 2.40 6.20 -0.34
N PHE A 7 2.27 7.08 0.62
CA PHE A 7 2.34 6.64 2.06
C PHE A 7 0.98 6.15 2.56
N TRP A 8 -0.09 6.72 2.07
CA TRP A 8 -1.46 6.29 2.50
C TRP A 8 -2.41 6.34 1.31
N TRP A 9 -2.30 5.39 0.41
CA TRP A 9 -3.19 5.36 -0.79
C TRP A 9 -4.26 4.26 -0.61
N LYS A 10 -5.29 4.27 -1.41
CA LYS A 10 -6.35 3.22 -1.26
C LYS A 10 -6.03 2.00 -2.12
N CYS A 11 -6.20 0.82 -1.58
CA CYS A 11 -5.92 -0.41 -2.38
C CYS A 11 -6.81 -1.58 -1.92
N GLY A 12 -6.78 -2.67 -2.63
CA GLY A 12 -7.62 -3.85 -2.24
C GLY A 12 -6.81 -4.79 -1.35
N ARG A 13 -6.69 -6.04 -1.74
CA ARG A 13 -5.91 -7.02 -0.92
C ARG A 13 -4.43 -7.03 -1.36
N GLY A 14 -3.96 -5.96 -1.96
CA GLY A 14 -2.54 -5.92 -2.42
C GLY A 14 -2.49 -5.97 -3.95
N LYS A 15 -3.43 -5.33 -4.61
CA LYS A 15 -3.45 -5.34 -6.11
C LYS A 15 -2.48 -4.29 -6.67
N PRO A 16 -2.69 -3.04 -6.30
CA PRO A 16 -1.82 -1.95 -6.79
C PRO A 16 -0.43 -2.00 -6.12
N PRO A 17 0.59 -1.93 -6.93
CA PRO A 17 1.98 -1.97 -6.40
C PRO A 17 2.35 -0.65 -5.70
N CYS A 18 2.55 -0.71 -4.40
CA CYS A 18 2.91 0.53 -3.64
C CYS A 18 4.42 0.75 -3.68
N CYS A 19 4.90 1.78 -3.03
CA CYS A 19 6.37 2.06 -3.03
C CYS A 19 7.09 1.07 -2.10
N LYS A 20 8.34 0.78 -2.38
CA LYS A 20 9.11 -0.18 -1.53
C LYS A 20 9.10 0.27 -0.06
N GLY A 21 8.50 -0.50 0.80
CA GLY A 21 8.45 -0.12 2.26
C GLY A 21 6.99 -0.09 2.72
N TYR A 22 6.08 0.30 1.84
CA TYR A 22 4.64 0.36 2.23
C TYR A 22 3.92 -0.95 1.83
N ALA A 23 2.91 -1.32 2.57
CA ALA A 23 2.15 -2.57 2.24
C ALA A 23 0.65 -2.25 2.12
N CYS A 24 -0.06 -2.98 1.30
CA CYS A 24 -1.53 -2.71 1.14
C CYS A 24 -2.33 -3.51 2.17
N SER A 25 -3.53 -3.07 2.45
CA SER A 25 -4.39 -3.79 3.45
C SER A 25 -5.85 -3.79 3.00
N LYS A 26 -6.48 -4.95 3.04
CA LYS A 26 -7.91 -5.05 2.63
C LYS A 26 -8.80 -4.67 3.83
N THR A 27 -8.49 -5.19 4.99
CA THR A 27 -9.30 -4.85 6.20
C THR A 27 -9.26 -3.34 6.44
N TRP A 28 -8.13 -2.73 6.21
CA TRP A 28 -8.00 -1.25 6.39
C TRP A 28 -8.54 -0.55 5.15
N GLY A 29 -8.22 -1.06 3.98
CA GLY A 29 -8.73 -0.44 2.72
C GLY A 29 -7.68 0.54 2.14
N TRP A 30 -6.44 0.46 2.57
CA TRP A 30 -5.42 1.40 2.01
C TRP A 30 -4.02 0.77 2.04
N CYS A 31 -3.04 1.48 1.55
CA CYS A 31 -1.64 0.96 1.51
C CYS A 31 -0.71 1.92 2.25
N ALA A 32 -0.08 1.45 3.29
CA ALA A 32 0.86 2.32 4.08
C ALA A 32 1.97 1.46 4.70
N VAL A 33 2.89 2.07 5.40
CA VAL A 33 4.00 1.28 6.04
C VAL A 33 3.43 0.25 7.02
N GLU A 34 3.65 -1.02 6.76
CA GLU A 34 3.12 -2.09 7.66
C GLU A 34 3.75 -1.98 9.06
N ALA A 35 2.95 -1.69 10.06
CA ALA A 35 3.48 -1.57 11.46
C ALA A 35 4.63 -0.55 11.53
N PRO A 36 4.27 0.70 11.69
CA PRO A 36 5.29 1.78 11.76
C PRO A 36 6.07 1.70 13.08
N ASP A 1 10.35 5.73 -10.94
CA ASP A 1 10.54 4.68 -12.01
C ASP A 1 10.09 3.31 -11.48
N GLY A 2 8.82 3.02 -11.54
CA GLY A 2 8.32 1.71 -11.05
C GLY A 2 6.88 1.85 -10.53
N GLU A 3 6.10 0.79 -10.60
CA GLU A 3 4.69 0.88 -10.11
C GLU A 3 4.66 0.82 -8.58
N CYS A 4 4.50 1.96 -7.95
CA CYS A 4 4.45 2.00 -6.46
C CYS A 4 3.34 2.95 -5.97
N GLY A 5 2.91 2.79 -4.75
CA GLY A 5 1.82 3.66 -4.21
C GLY A 5 2.44 4.80 -3.38
N GLY A 6 1.89 5.05 -2.21
CA GLY A 6 2.42 6.15 -1.34
C GLY A 6 2.32 5.74 0.13
N PHE A 7 2.17 6.70 1.03
CA PHE A 7 2.07 6.36 2.48
C PHE A 7 0.62 6.02 2.87
N TRP A 8 -0.35 6.49 2.14
CA TRP A 8 -1.77 6.19 2.49
C TRP A 8 -2.63 6.16 1.22
N TRP A 9 -2.32 5.27 0.31
CA TRP A 9 -3.12 5.18 -0.95
C TRP A 9 -4.21 4.12 -0.80
N LYS A 10 -5.28 4.22 -1.54
CA LYS A 10 -6.38 3.21 -1.38
C LYS A 10 -6.17 2.01 -2.30
N CYS A 11 -6.30 0.83 -1.75
CA CYS A 11 -6.14 -0.40 -2.57
C CYS A 11 -7.00 -1.54 -2.01
N GLY A 12 -7.06 -2.66 -2.69
CA GLY A 12 -7.88 -3.80 -2.19
C GLY A 12 -7.03 -4.65 -1.23
N ARG A 13 -7.03 -5.95 -1.41
CA ARG A 13 -6.23 -6.84 -0.52
C ARG A 13 -4.82 -7.03 -1.11
N GLY A 14 -4.13 -5.96 -1.39
CA GLY A 14 -2.77 -6.06 -1.97
C GLY A 14 -2.85 -6.22 -3.49
N LYS A 15 -3.74 -5.50 -4.13
CA LYS A 15 -3.87 -5.60 -5.62
C LYS A 15 -2.80 -4.76 -6.32
N PRO A 16 -2.84 -3.46 -6.09
CA PRO A 16 -1.84 -2.56 -6.71
C PRO A 16 -0.49 -2.67 -5.99
N PRO A 17 0.58 -2.63 -6.77
CA PRO A 17 1.94 -2.73 -6.19
C PRO A 17 2.32 -1.45 -5.45
N CYS A 18 2.48 -1.51 -4.15
CA CYS A 18 2.85 -0.30 -3.37
C CYS A 18 4.37 -0.10 -3.42
N CYS A 19 4.87 0.96 -2.84
CA CYS A 19 6.35 1.19 -2.83
C CYS A 19 7.02 0.18 -1.90
N LYS A 20 8.26 -0.16 -2.15
CA LYS A 20 8.96 -1.14 -1.26
C LYS A 20 8.85 -0.71 0.20
N GLY A 21 8.33 -1.57 1.04
CA GLY A 21 8.18 -1.22 2.49
C GLY A 21 6.71 -0.91 2.80
N TYR A 22 5.94 -0.50 1.82
CA TYR A 22 4.50 -0.18 2.07
C TYR A 22 3.63 -1.42 1.83
N ALA A 23 2.69 -1.68 2.69
CA ALA A 23 1.80 -2.87 2.53
C ALA A 23 0.33 -2.43 2.43
N CYS A 24 -0.47 -3.18 1.72
CA CYS A 24 -1.91 -2.80 1.58
C CYS A 24 -2.73 -3.44 2.71
N SER A 25 -3.92 -2.94 2.95
CA SER A 25 -4.77 -3.49 4.04
C SER A 25 -6.22 -3.63 3.57
N LYS A 26 -6.74 -4.83 3.60
CA LYS A 26 -8.17 -5.04 3.17
C LYS A 26 -9.10 -4.53 4.28
N THR A 27 -8.72 -4.71 5.52
CA THR A 27 -9.57 -4.23 6.66
C THR A 27 -9.66 -2.70 6.62
N TRP A 28 -8.55 -2.05 6.38
CA TRP A 28 -8.55 -0.56 6.33
C TRP A 28 -9.02 -0.09 4.94
N GLY A 29 -8.50 -0.68 3.90
CA GLY A 29 -8.90 -0.29 2.52
C GLY A 29 -7.82 0.58 1.86
N TRP A 30 -6.61 0.59 2.37
CA TRP A 30 -5.54 1.43 1.75
C TRP A 30 -4.16 0.79 1.95
N CYS A 31 -3.12 1.48 1.52
CA CYS A 31 -1.73 0.95 1.67
C CYS A 31 -0.86 1.93 2.47
N ALA A 32 -0.17 1.43 3.46
CA ALA A 32 0.72 2.32 4.28
C ALA A 32 1.99 1.56 4.67
N VAL A 33 2.94 2.22 5.31
CA VAL A 33 4.20 1.53 5.71
C VAL A 33 3.90 0.49 6.81
N GLU A 34 4.57 -0.63 6.77
CA GLU A 34 4.34 -1.70 7.80
C GLU A 34 4.92 -1.25 9.15
N ALA A 35 4.08 -1.01 10.12
CA ALA A 35 4.59 -0.58 11.47
C ALA A 35 3.86 -1.35 12.57
N PRO A 36 4.62 -1.95 13.45
CA PRO A 36 4.04 -2.73 14.57
C PRO A 36 3.43 -1.80 15.62
N ASP A 1 7.23 1.40 -15.60
CA ASP A 1 8.50 2.01 -15.10
C ASP A 1 8.29 2.60 -13.71
N GLY A 2 8.75 1.92 -12.69
CA GLY A 2 8.58 2.44 -11.30
C GLY A 2 7.12 2.28 -10.86
N GLU A 3 6.78 1.18 -10.25
CA GLU A 3 5.37 0.95 -9.82
C GLU A 3 5.26 0.95 -8.28
N CYS A 4 5.03 2.09 -7.69
CA CYS A 4 4.91 2.16 -6.20
C CYS A 4 3.78 3.13 -5.82
N GLY A 5 3.16 2.92 -4.69
CA GLY A 5 2.06 3.81 -4.24
C GLY A 5 2.62 5.00 -3.48
N GLY A 6 2.18 5.19 -2.25
CA GLY A 6 2.70 6.33 -1.43
C GLY A 6 2.63 5.96 0.06
N PHE A 7 2.35 6.90 0.91
CA PHE A 7 2.26 6.59 2.38
C PHE A 7 0.84 6.20 2.78
N TRP A 8 -0.14 6.67 2.06
CA TRP A 8 -1.57 6.32 2.41
C TRP A 8 -2.42 6.31 1.12
N TRP A 9 -2.25 5.29 0.30
CA TRP A 9 -3.02 5.21 -0.97
C TRP A 9 -4.13 4.15 -0.82
N LYS A 10 -5.16 4.21 -1.63
CA LYS A 10 -6.26 3.22 -1.49
C LYS A 10 -6.02 1.98 -2.35
N CYS A 11 -6.19 0.82 -1.79
CA CYS A 11 -5.98 -0.44 -2.58
C CYS A 11 -6.88 -1.56 -2.04
N GLY A 12 -6.95 -2.66 -2.75
CA GLY A 12 -7.80 -3.81 -2.30
C GLY A 12 -6.96 -4.74 -1.43
N ARG A 13 -6.79 -5.97 -1.85
CA ARG A 13 -5.99 -6.95 -1.05
C ARG A 13 -4.52 -6.90 -1.49
N GLY A 14 -3.98 -5.72 -1.73
CA GLY A 14 -2.56 -5.61 -2.16
C GLY A 14 -2.47 -5.77 -3.68
N LYS A 15 -3.47 -5.32 -4.41
CA LYS A 15 -3.43 -5.45 -5.91
C LYS A 15 -2.36 -4.52 -6.49
N PRO A 16 -2.46 -3.25 -6.18
CA PRO A 16 -1.47 -2.26 -6.68
C PRO A 16 -0.15 -2.41 -5.92
N PRO A 17 0.94 -2.38 -6.65
CA PRO A 17 2.28 -2.54 -6.02
C PRO A 17 2.66 -1.28 -5.24
N CYS A 18 2.64 -1.35 -3.93
CA CYS A 18 3.03 -0.17 -3.10
C CYS A 18 4.55 0.00 -3.14
N CYS A 19 5.08 1.05 -2.55
CA CYS A 19 6.56 1.24 -2.56
C CYS A 19 7.18 0.35 -1.46
N LYS A 20 8.37 -0.15 -1.68
CA LYS A 20 9.01 -1.04 -0.66
C LYS A 20 8.86 -0.47 0.76
N GLY A 21 8.37 -1.26 1.67
CA GLY A 21 8.18 -0.78 3.08
C GLY A 21 6.68 -0.55 3.37
N TYR A 22 5.89 -0.27 2.35
CA TYR A 22 4.43 -0.02 2.58
C TYR A 22 3.62 -1.30 2.28
N ALA A 23 2.67 -1.63 3.11
CA ALA A 23 1.84 -2.84 2.87
C ALA A 23 0.37 -2.43 2.70
N CYS A 24 -0.39 -3.17 1.92
CA CYS A 24 -1.83 -2.81 1.72
C CYS A 24 -2.71 -3.48 2.78
N SER A 25 -3.90 -2.97 2.98
CA SER A 25 -4.81 -3.55 4.00
C SER A 25 -6.22 -3.75 3.41
N LYS A 26 -6.63 -4.97 3.21
CA LYS A 26 -7.99 -5.22 2.65
C LYS A 26 -9.07 -4.84 3.67
N THR A 27 -8.81 -5.08 4.94
CA THR A 27 -9.80 -4.72 6.01
C THR A 27 -9.94 -3.20 6.08
N TRP A 28 -8.87 -2.48 5.92
CA TRP A 28 -8.92 -1.00 5.98
C TRP A 28 -9.29 -0.43 4.61
N GLY A 29 -8.64 -0.88 3.57
CA GLY A 29 -8.96 -0.39 2.19
C GLY A 29 -7.85 0.52 1.66
N TRP A 30 -6.68 0.52 2.24
CA TRP A 30 -5.57 1.39 1.72
C TRP A 30 -4.19 0.78 1.98
N CYS A 31 -3.14 1.46 1.56
CA CYS A 31 -1.76 0.94 1.76
C CYS A 31 -0.94 1.95 2.56
N ALA A 32 -0.30 1.51 3.61
CA ALA A 32 0.53 2.44 4.44
C ALA A 32 1.73 1.68 5.02
N VAL A 33 2.61 2.37 5.69
CA VAL A 33 3.81 1.70 6.27
C VAL A 33 3.39 0.81 7.44
N GLU A 34 3.39 -0.50 7.24
CA GLU A 34 2.98 -1.42 8.35
C GLU A 34 4.16 -1.63 9.32
N ALA A 35 4.26 -0.78 10.33
CA ALA A 35 5.37 -0.91 11.31
C ALA A 35 4.95 -0.35 12.67
N PRO A 36 5.54 -0.88 13.72
CA PRO A 36 5.22 -0.42 15.09
C PRO A 36 5.80 0.98 15.35
N ASP A 1 9.78 5.63 -14.70
CA ASP A 1 9.66 4.18 -14.33
C ASP A 1 9.52 4.03 -12.81
N GLY A 2 8.35 3.65 -12.35
CA GLY A 2 8.13 3.47 -10.88
C GLY A 2 6.69 3.09 -10.61
N GLU A 3 6.45 1.86 -10.20
CA GLU A 3 5.05 1.41 -9.92
C GLU A 3 4.81 1.27 -8.41
N CYS A 4 5.00 2.34 -7.67
CA CYS A 4 4.77 2.28 -6.20
C CYS A 4 3.63 3.22 -5.80
N GLY A 5 2.96 2.95 -4.71
CA GLY A 5 1.83 3.81 -4.26
C GLY A 5 2.37 5.05 -3.54
N GLY A 6 1.87 5.32 -2.36
CA GLY A 6 2.33 6.52 -1.60
C GLY A 6 2.30 6.21 -0.09
N PHE A 7 1.89 7.17 0.72
CA PHE A 7 1.83 6.92 2.20
C PHE A 7 0.45 6.38 2.61
N TRP A 8 -0.58 6.81 1.93
CA TRP A 8 -1.95 6.32 2.28
C TRP A 8 -2.81 6.24 1.01
N TRP A 9 -2.49 5.31 0.13
CA TRP A 9 -3.27 5.18 -1.14
C TRP A 9 -4.36 4.11 -0.97
N LYS A 10 -5.36 4.10 -1.82
CA LYS A 10 -6.43 3.08 -1.67
C LYS A 10 -6.11 1.81 -2.46
N CYS A 11 -6.33 0.66 -1.86
CA CYS A 11 -6.05 -0.62 -2.58
C CYS A 11 -6.99 -1.73 -2.07
N GLY A 12 -7.22 -2.74 -2.86
CA GLY A 12 -8.13 -3.85 -2.42
C GLY A 12 -7.33 -4.85 -1.60
N ARG A 13 -7.24 -6.08 -2.05
CA ARG A 13 -6.47 -7.12 -1.30
C ARG A 13 -5.00 -7.14 -1.79
N GLY A 14 -4.47 -5.99 -2.15
CA GLY A 14 -3.06 -5.94 -2.63
C GLY A 14 -3.05 -5.90 -4.17
N LYS A 15 -3.96 -5.17 -4.78
CA LYS A 15 -4.00 -5.10 -6.27
C LYS A 15 -2.91 -4.15 -6.80
N PRO A 16 -2.96 -2.91 -6.37
CA PRO A 16 -1.96 -1.91 -6.81
C PRO A 16 -0.61 -2.15 -6.11
N PRO A 17 0.45 -2.05 -6.88
CA PRO A 17 1.81 -2.28 -6.32
C PRO A 17 2.24 -1.09 -5.45
N CYS A 18 2.43 -1.33 -4.17
CA CYS A 18 2.84 -0.21 -3.25
C CYS A 18 4.38 -0.04 -3.30
N CYS A 19 4.90 0.89 -2.53
CA CYS A 19 6.38 1.11 -2.52
C CYS A 19 7.05 0.20 -1.48
N LYS A 20 8.36 0.05 -1.55
CA LYS A 20 9.07 -0.83 -0.57
C LYS A 20 8.81 -0.34 0.86
N GLY A 21 8.32 -1.20 1.71
CA GLY A 21 8.04 -0.81 3.12
C GLY A 21 6.53 -0.55 3.28
N TYR A 22 5.85 -0.20 2.22
CA TYR A 22 4.39 0.06 2.31
C TYR A 22 3.60 -1.22 2.00
N ALA A 23 2.62 -1.53 2.80
CA ALA A 23 1.80 -2.76 2.57
C ALA A 23 0.33 -2.38 2.39
N CYS A 24 -0.37 -3.09 1.55
CA CYS A 24 -1.82 -2.77 1.32
C CYS A 24 -2.69 -3.53 2.33
N SER A 25 -3.90 -3.08 2.53
CA SER A 25 -4.80 -3.76 3.50
C SER A 25 -6.24 -3.78 3.00
N LYS A 26 -6.82 -4.94 2.88
CA LYS A 26 -8.24 -5.03 2.43
C LYS A 26 -9.17 -4.60 3.57
N THR A 27 -8.85 -5.00 4.77
CA THR A 27 -9.69 -4.60 5.96
C THR A 27 -9.66 -3.07 6.11
N TRP A 28 -8.50 -2.48 5.91
CA TRP A 28 -8.38 -0.99 6.02
C TRP A 28 -8.90 -0.35 4.74
N GLY A 29 -8.61 -0.95 3.61
CA GLY A 29 -9.06 -0.38 2.31
C GLY A 29 -7.99 0.54 1.73
N TRP A 30 -6.77 0.49 2.23
CA TRP A 30 -5.70 1.38 1.68
C TRP A 30 -4.31 0.75 1.86
N CYS A 31 -3.29 1.41 1.35
CA CYS A 31 -1.90 0.87 1.49
C CYS A 31 -1.01 1.92 2.16
N ALA A 32 -0.34 1.55 3.22
CA ALA A 32 0.57 2.50 3.93
C ALA A 32 1.78 1.75 4.50
N VAL A 33 2.66 2.43 5.18
CA VAL A 33 3.86 1.74 5.76
C VAL A 33 3.42 0.64 6.73
N GLU A 34 4.26 -0.34 6.97
CA GLU A 34 3.91 -1.45 7.90
C GLU A 34 3.67 -0.92 9.32
N ALA A 35 4.72 -0.79 10.11
CA ALA A 35 4.56 -0.26 11.51
C ALA A 35 5.93 0.01 12.13
N PRO A 36 6.04 1.15 12.79
CA PRO A 36 7.32 1.53 13.45
C PRO A 36 7.57 0.67 14.69
N ASP A 1 8.53 1.98 -14.79
CA ASP A 1 9.81 1.94 -14.02
C ASP A 1 9.59 2.51 -12.61
N GLY A 2 9.33 1.66 -11.65
CA GLY A 2 9.10 2.14 -10.25
C GLY A 2 7.61 2.17 -9.95
N GLU A 3 7.00 1.02 -9.83
CA GLU A 3 5.53 0.97 -9.53
C GLU A 3 5.31 1.03 -8.01
N CYS A 4 5.01 2.21 -7.50
CA CYS A 4 4.81 2.36 -6.03
C CYS A 4 3.63 3.31 -5.75
N GLY A 5 3.06 3.22 -4.57
CA GLY A 5 1.92 4.12 -4.23
C GLY A 5 2.44 5.34 -3.46
N GLY A 6 1.96 5.56 -2.27
CA GLY A 6 2.43 6.73 -1.47
C GLY A 6 2.31 6.41 0.03
N PHE A 7 2.08 7.41 0.85
CA PHE A 7 1.95 7.16 2.33
C PHE A 7 0.55 6.68 2.68
N TRP A 8 -0.46 7.27 2.10
CA TRP A 8 -1.86 6.83 2.40
C TRP A 8 -2.68 6.76 1.11
N TRP A 9 -2.44 5.74 0.33
CA TRP A 9 -3.19 5.58 -0.97
C TRP A 9 -4.28 4.53 -0.81
N LYS A 10 -5.11 4.35 -1.80
CA LYS A 10 -6.20 3.33 -1.69
C LYS A 10 -5.70 1.98 -2.21
N CYS A 11 -6.04 0.92 -1.53
CA CYS A 11 -5.61 -0.43 -1.99
C CYS A 11 -6.62 -1.49 -1.57
N GLY A 12 -6.59 -2.64 -2.20
CA GLY A 12 -7.55 -3.73 -1.85
C GLY A 12 -6.77 -4.86 -1.17
N ARG A 13 -6.75 -6.02 -1.78
CA ARG A 13 -5.99 -7.17 -1.19
C ARG A 13 -4.54 -7.17 -1.72
N GLY A 14 -4.00 -6.02 -2.05
CA GLY A 14 -2.61 -5.96 -2.57
C GLY A 14 -2.63 -5.80 -4.09
N LYS A 15 -3.60 -5.08 -4.62
CA LYS A 15 -3.66 -4.89 -6.10
C LYS A 15 -2.62 -3.84 -6.54
N PRO A 16 -2.75 -2.64 -6.03
CA PRO A 16 -1.79 -1.56 -6.36
C PRO A 16 -0.45 -1.79 -5.64
N PRO A 17 0.61 -1.75 -6.40
CA PRO A 17 1.97 -1.97 -5.82
C PRO A 17 2.38 -0.76 -4.95
N CYS A 18 2.46 -0.97 -3.66
CA CYS A 18 2.86 0.16 -2.75
C CYS A 18 4.40 0.27 -2.70
N CYS A 19 4.90 1.40 -2.26
CA CYS A 19 6.39 1.59 -2.19
C CYS A 19 7.02 0.58 -1.22
N LYS A 20 8.25 0.20 -1.46
CA LYS A 20 8.93 -0.78 -0.57
C LYS A 20 8.92 -0.26 0.88
N GLY A 21 8.39 -1.05 1.78
CA GLY A 21 8.32 -0.61 3.20
C GLY A 21 6.87 -0.36 3.60
N TYR A 22 6.01 -0.02 2.66
CA TYR A 22 4.58 0.24 2.99
C TYR A 22 3.78 -1.07 2.89
N ALA A 23 2.63 -1.12 3.51
CA ALA A 23 1.79 -2.36 3.46
C ALA A 23 0.34 -2.01 3.10
N CYS A 24 -0.31 -2.86 2.36
CA CYS A 24 -1.74 -2.60 1.96
C CYS A 24 -2.69 -3.17 3.01
N SER A 25 -3.92 -2.73 3.01
CA SER A 25 -4.90 -3.25 4.01
C SER A 25 -6.28 -3.48 3.35
N LYS A 26 -6.54 -4.69 2.92
CA LYS A 26 -7.87 -4.99 2.28
C LYS A 26 -9.00 -4.75 3.28
N THR A 27 -8.75 -4.97 4.55
CA THR A 27 -9.81 -4.76 5.59
C THR A 27 -10.05 -3.25 5.79
N TRP A 28 -9.01 -2.47 5.75
CA TRP A 28 -9.17 -0.99 5.93
C TRP A 28 -9.57 -0.35 4.60
N GLY A 29 -8.87 -0.68 3.54
CA GLY A 29 -9.21 -0.11 2.20
C GLY A 29 -8.12 0.84 1.70
N TRP A 30 -6.94 0.81 2.28
CA TRP A 30 -5.85 1.72 1.80
C TRP A 30 -4.46 1.11 2.04
N CYS A 31 -3.43 1.79 1.64
CA CYS A 31 -2.04 1.26 1.83
C CYS A 31 -1.18 2.32 2.53
N ALA A 32 -0.48 1.94 3.57
CA ALA A 32 0.37 2.92 4.30
C ALA A 32 1.59 2.23 4.92
N VAL A 33 2.43 2.98 5.60
CA VAL A 33 3.64 2.37 6.23
C VAL A 33 3.22 1.52 7.44
N GLU A 34 3.66 0.29 7.49
CA GLU A 34 3.29 -0.60 8.65
C GLU A 34 4.31 -0.47 9.78
N ALA A 35 5.48 0.08 9.51
CA ALA A 35 6.52 0.24 10.58
C ALA A 35 6.87 -1.12 11.22
N PRO A 36 7.72 -1.85 10.56
CA PRO A 36 8.15 -3.19 11.06
C PRO A 36 9.05 -3.04 12.30
N ASP A 1 10.95 1.33 -15.07
CA ASP A 1 9.99 0.62 -14.17
C ASP A 1 9.27 1.63 -13.26
N GLY A 2 8.20 1.20 -12.63
CA GLY A 2 7.44 2.13 -11.74
C GLY A 2 6.31 1.37 -11.04
N GLU A 3 6.52 0.96 -9.81
CA GLU A 3 5.46 0.21 -9.06
C GLU A 3 5.39 0.70 -7.61
N CYS A 4 4.86 1.88 -7.42
CA CYS A 4 4.74 2.44 -6.04
C CYS A 4 3.55 3.38 -5.93
N GLY A 5 3.04 3.56 -4.74
CA GLY A 5 1.89 4.48 -4.54
C GLY A 5 2.35 5.68 -3.71
N GLY A 6 1.96 5.74 -2.47
CA GLY A 6 2.38 6.87 -1.59
C GLY A 6 2.40 6.40 -0.12
N PHE A 7 2.38 7.33 0.81
CA PHE A 7 2.40 6.94 2.26
C PHE A 7 0.98 6.57 2.75
N TRP A 8 -0.04 6.99 2.07
CA TRP A 8 -1.44 6.66 2.50
C TRP A 8 -2.38 6.69 1.28
N TRP A 9 -2.26 5.70 0.42
CA TRP A 9 -3.13 5.65 -0.79
C TRP A 9 -4.23 4.60 -0.61
N LYS A 10 -5.21 4.58 -1.49
CA LYS A 10 -6.31 3.58 -1.36
C LYS A 10 -5.98 2.31 -2.13
N CYS A 11 -6.23 1.16 -1.57
CA CYS A 11 -5.95 -0.11 -2.28
C CYS A 11 -6.91 -1.21 -1.82
N GLY A 12 -7.13 -2.21 -2.63
CA GLY A 12 -8.05 -3.31 -2.24
C GLY A 12 -7.26 -4.40 -1.51
N ARG A 13 -7.20 -5.59 -2.05
CA ARG A 13 -6.44 -6.69 -1.38
C ARG A 13 -4.99 -6.70 -1.90
N GLY A 14 -4.34 -5.56 -1.86
CA GLY A 14 -2.93 -5.47 -2.35
C GLY A 14 -2.91 -5.40 -3.88
N LYS A 15 -3.85 -4.69 -4.47
CA LYS A 15 -3.89 -4.58 -5.96
C LYS A 15 -2.83 -3.59 -6.46
N PRO A 16 -2.94 -2.35 -6.02
CA PRO A 16 -1.96 -1.31 -6.44
C PRO A 16 -0.62 -1.51 -5.71
N PRO A 17 0.45 -1.48 -6.46
CA PRO A 17 1.80 -1.66 -5.88
C PRO A 17 2.23 -0.40 -5.11
N CYS A 18 2.48 -0.53 -3.84
CA CYS A 18 2.91 0.65 -3.03
C CYS A 18 4.45 0.78 -3.05
N CYS A 19 4.97 1.86 -2.53
CA CYS A 19 6.46 2.05 -2.52
C CYS A 19 7.11 1.04 -1.57
N LYS A 20 8.32 0.62 -1.87
CA LYS A 20 9.03 -0.37 -1.00
C LYS A 20 9.04 0.12 0.45
N GLY A 21 8.28 -0.53 1.31
CA GLY A 21 8.23 -0.12 2.74
C GLY A 21 6.77 0.00 3.19
N TYR A 22 5.90 0.52 2.33
CA TYR A 22 4.47 0.66 2.71
C TYR A 22 3.69 -0.59 2.29
N ALA A 23 2.75 -1.03 3.10
CA ALA A 23 1.95 -2.24 2.76
C ALA A 23 0.46 -1.87 2.62
N CYS A 24 -0.26 -2.59 1.81
CA CYS A 24 -1.72 -2.28 1.63
C CYS A 24 -2.56 -3.06 2.64
N SER A 25 -3.76 -2.63 2.88
CA SER A 25 -4.64 -3.33 3.87
C SER A 25 -6.05 -3.51 3.32
N LYS A 26 -6.40 -4.71 2.92
CA LYS A 26 -7.77 -4.96 2.38
C LYS A 26 -8.81 -4.76 3.50
N THR A 27 -8.44 -5.07 4.72
CA THR A 27 -9.39 -4.91 5.87
C THR A 27 -9.70 -3.41 6.09
N TRP A 28 -8.71 -2.58 5.97
CA TRP A 28 -8.93 -1.11 6.18
C TRP A 28 -9.39 -0.47 4.87
N GLY A 29 -8.70 -0.74 3.79
CA GLY A 29 -9.08 -0.16 2.47
C GLY A 29 -8.00 0.81 1.96
N TRP A 30 -6.81 0.79 2.52
CA TRP A 30 -5.75 1.71 2.03
C TRP A 30 -4.35 1.11 2.25
N CYS A 31 -3.32 1.80 1.82
CA CYS A 31 -1.92 1.30 1.99
C CYS A 31 -1.07 2.36 2.68
N ALA A 32 -0.35 1.97 3.72
CA ALA A 32 0.51 2.94 4.44
C ALA A 32 1.76 2.23 4.99
N VAL A 33 2.55 2.91 5.79
CA VAL A 33 3.78 2.27 6.36
C VAL A 33 3.39 1.26 7.44
N GLU A 34 3.79 0.03 7.29
CA GLU A 34 3.46 -1.02 8.31
C GLU A 34 4.48 -1.00 9.45
N ALA A 35 4.17 -1.68 10.54
CA ALA A 35 5.12 -1.72 11.69
C ALA A 35 5.68 -3.14 11.87
N PRO A 36 6.99 -3.22 11.98
CA PRO A 36 7.66 -4.54 12.15
C PRO A 36 7.41 -5.09 13.56
N ASP A 1 9.06 -0.33 -15.49
CA ASP A 1 9.00 0.73 -14.44
C ASP A 1 8.48 0.14 -13.12
N GLY A 2 8.84 0.74 -12.01
CA GLY A 2 8.36 0.23 -10.69
C GLY A 2 7.20 1.09 -10.19
N GLU A 3 5.99 0.59 -10.30
CA GLU A 3 4.80 1.38 -9.84
C GLU A 3 4.76 1.41 -8.30
N CYS A 4 4.59 2.59 -7.74
CA CYS A 4 4.54 2.72 -6.24
C CYS A 4 3.37 3.63 -5.84
N GLY A 5 2.94 3.55 -4.60
CA GLY A 5 1.82 4.41 -4.14
C GLY A 5 2.37 5.59 -3.33
N GLY A 6 1.92 5.75 -2.11
CA GLY A 6 2.41 6.88 -1.26
C GLY A 6 2.35 6.45 0.21
N PHE A 7 2.25 7.41 1.12
CA PHE A 7 2.18 7.05 2.57
C PHE A 7 0.78 6.55 2.96
N TRP A 8 -0.24 7.11 2.37
CA TRP A 8 -1.63 6.66 2.71
C TRP A 8 -2.50 6.68 1.44
N TRP A 9 -2.35 5.70 0.60
CA TRP A 9 -3.16 5.63 -0.66
C TRP A 9 -4.23 4.56 -0.52
N LYS A 10 -5.31 4.65 -1.26
CA LYS A 10 -6.38 3.62 -1.12
C LYS A 10 -6.14 2.44 -2.07
N CYS A 11 -6.24 1.25 -1.56
CA CYS A 11 -6.04 0.04 -2.42
C CYS A 11 -6.87 -1.13 -1.89
N GLY A 12 -7.00 -2.19 -2.66
CA GLY A 12 -7.80 -3.36 -2.19
C GLY A 12 -6.92 -4.24 -1.28
N ARG A 13 -6.72 -5.48 -1.64
CA ARG A 13 -5.87 -6.37 -0.80
C ARG A 13 -4.41 -6.30 -1.27
N GLY A 14 -4.01 -5.21 -1.87
CA GLY A 14 -2.61 -5.08 -2.35
C GLY A 14 -2.55 -5.25 -3.87
N LYS A 15 -3.56 -4.81 -4.58
CA LYS A 15 -3.54 -4.94 -6.07
C LYS A 15 -2.49 -3.99 -6.67
N PRO A 16 -2.61 -2.72 -6.34
CA PRO A 16 -1.63 -1.72 -6.84
C PRO A 16 -0.32 -1.83 -6.03
N PRO A 17 0.78 -1.85 -6.75
CA PRO A 17 2.11 -1.96 -6.09
C PRO A 17 2.45 -0.66 -5.34
N CYS A 18 2.64 -0.73 -4.05
CA CYS A 18 2.98 0.49 -3.27
C CYS A 18 4.50 0.74 -3.31
N CYS A 19 4.96 1.77 -2.65
CA CYS A 19 6.44 2.06 -2.67
C CYS A 19 7.19 1.07 -1.78
N LYS A 20 8.49 0.98 -1.91
CA LYS A 20 9.27 0.04 -1.08
C LYS A 20 9.12 0.38 0.41
N GLY A 21 8.61 -0.55 1.19
CA GLY A 21 8.42 -0.29 2.65
C GLY A 21 6.94 0.04 2.93
N TYR A 22 6.10 0.03 1.93
CA TYR A 22 4.65 0.33 2.15
C TYR A 22 3.81 -0.93 1.90
N ALA A 23 2.89 -1.24 2.78
CA ALA A 23 2.05 -2.46 2.60
C ALA A 23 0.57 -2.06 2.50
N CYS A 24 -0.18 -2.78 1.69
CA CYS A 24 -1.64 -2.47 1.55
C CYS A 24 -2.45 -3.24 2.59
N SER A 25 -3.65 -2.81 2.87
CA SER A 25 -4.49 -3.53 3.87
C SER A 25 -5.93 -3.66 3.37
N LYS A 26 -6.44 -4.88 3.34
CA LYS A 26 -7.85 -5.09 2.88
C LYS A 26 -8.81 -4.67 3.99
N THR A 27 -8.48 -4.99 5.22
CA THR A 27 -9.35 -4.60 6.38
C THR A 27 -9.38 -3.08 6.51
N TRP A 28 -8.26 -2.43 6.30
CA TRP A 28 -8.21 -0.95 6.40
C TRP A 28 -8.72 -0.33 5.10
N GLY A 29 -8.28 -0.84 3.98
CA GLY A 29 -8.74 -0.31 2.66
C GLY A 29 -7.71 0.66 2.08
N TRP A 30 -6.48 0.65 2.57
CA TRP A 30 -5.46 1.59 2.01
C TRP A 30 -4.04 1.02 2.15
N CYS A 31 -3.06 1.77 1.71
CA CYS A 31 -1.64 1.30 1.79
C CYS A 31 -0.80 2.29 2.61
N ALA A 32 -0.08 1.79 3.59
CA ALA A 32 0.77 2.68 4.42
C ALA A 32 2.02 1.91 4.91
N VAL A 33 3.01 2.62 5.40
CA VAL A 33 4.24 1.93 5.89
C VAL A 33 3.92 1.05 7.09
N GLU A 34 4.61 -0.07 7.23
CA GLU A 34 4.33 -0.97 8.39
C GLU A 34 4.99 -0.41 9.65
N ALA A 35 4.32 0.50 10.33
CA ALA A 35 4.89 1.10 11.57
C ALA A 35 5.02 0.03 12.67
N PRO A 36 3.90 -0.59 13.02
CA PRO A 36 3.93 -1.64 14.07
C PRO A 36 4.62 -2.92 13.55
N ASP A 1 7.10 -5.50 -12.48
CA ASP A 1 6.37 -4.47 -11.69
C ASP A 1 7.33 -3.76 -10.73
N GLY A 2 7.20 -2.46 -10.58
CA GLY A 2 8.10 -1.71 -9.66
C GLY A 2 7.66 -0.24 -9.60
N GLU A 3 6.50 0.02 -9.05
CA GLU A 3 6.01 1.42 -8.96
C GLU A 3 5.68 1.79 -7.51
N CYS A 4 5.34 3.03 -7.26
CA CYS A 4 5.02 3.46 -5.88
C CYS A 4 3.77 4.35 -5.86
N GLY A 5 3.11 4.40 -4.74
CA GLY A 5 1.88 5.24 -4.62
C GLY A 5 2.18 6.40 -3.68
N GLY A 6 1.77 6.29 -2.44
CA GLY A 6 2.03 7.38 -1.45
C GLY A 6 2.19 6.76 -0.05
N PHE A 7 1.93 7.53 0.98
CA PHE A 7 2.05 6.98 2.37
C PHE A 7 0.72 6.39 2.84
N TRP A 8 -0.38 6.92 2.36
CA TRP A 8 -1.71 6.38 2.78
C TRP A 8 -2.66 6.41 1.56
N TRP A 9 -2.42 5.58 0.58
CA TRP A 9 -3.29 5.56 -0.63
C TRP A 9 -4.30 4.40 -0.53
N LYS A 10 -5.43 4.51 -1.16
CA LYS A 10 -6.44 3.40 -1.06
C LYS A 10 -6.20 2.34 -2.14
N CYS A 11 -6.24 1.09 -1.76
CA CYS A 11 -6.03 -0.01 -2.75
C CYS A 11 -6.80 -1.26 -2.33
N GLY A 12 -6.76 -2.30 -3.14
CA GLY A 12 -7.47 -3.56 -2.79
C GLY A 12 -6.61 -4.37 -1.81
N ARG A 13 -6.23 -5.56 -2.17
CA ARG A 13 -5.37 -6.38 -1.26
C ARG A 13 -3.90 -6.06 -1.53
N GLY A 14 -3.55 -5.86 -2.76
CA GLY A 14 -2.14 -5.53 -3.12
C GLY A 14 -2.04 -5.21 -4.62
N LYS A 15 -3.03 -4.55 -5.17
CA LYS A 15 -3.00 -4.21 -6.63
C LYS A 15 -1.96 -3.12 -6.92
N PRO A 16 -2.24 -1.90 -6.48
CA PRO A 16 -1.29 -0.78 -6.70
C PRO A 16 -0.09 -0.92 -5.76
N PRO A 17 1.08 -0.92 -6.34
CA PRO A 17 2.33 -1.07 -5.54
C PRO A 17 2.66 0.21 -4.76
N CYS A 18 2.41 0.22 -3.47
CA CYS A 18 2.74 1.43 -2.66
C CYS A 18 4.27 1.61 -2.66
N CYS A 19 4.76 2.75 -2.27
CA CYS A 19 6.25 2.97 -2.27
C CYS A 19 6.95 1.86 -1.49
N LYS A 20 8.17 1.52 -1.87
CA LYS A 20 8.92 0.43 -1.15
C LYS A 20 8.88 0.67 0.36
N GLY A 21 8.34 -0.26 1.10
CA GLY A 21 8.23 -0.08 2.59
C GLY A 21 6.75 0.02 2.98
N TYR A 22 5.91 0.45 2.06
CA TYR A 22 4.45 0.57 2.37
C TYR A 22 3.73 -0.64 1.79
N ALA A 23 2.87 -1.26 2.57
CA ALA A 23 2.12 -2.45 2.07
C ALA A 23 0.62 -2.14 1.98
N CYS A 24 -0.08 -2.83 1.13
CA CYS A 24 -1.55 -2.58 1.01
C CYS A 24 -2.32 -3.47 2.00
N SER A 25 -3.46 -3.02 2.45
CA SER A 25 -4.24 -3.84 3.42
C SER A 25 -5.66 -4.07 2.92
N LYS A 26 -6.11 -5.30 2.94
CA LYS A 26 -7.50 -5.60 2.48
C LYS A 26 -8.50 -5.14 3.54
N THR A 27 -8.20 -5.40 4.79
CA THR A 27 -9.11 -4.99 5.90
C THR A 27 -9.12 -3.46 6.02
N TRP A 28 -7.99 -2.83 5.83
CA TRP A 28 -7.92 -1.34 5.92
C TRP A 28 -8.44 -0.73 4.61
N GLY A 29 -8.00 -1.24 3.50
CA GLY A 29 -8.47 -0.72 2.18
C GLY A 29 -7.47 0.32 1.64
N TRP A 30 -6.25 0.34 2.14
CA TRP A 30 -5.25 1.34 1.62
C TRP A 30 -3.82 0.80 1.75
N CYS A 31 -2.84 1.56 1.30
CA CYS A 31 -1.43 1.12 1.41
C CYS A 31 -0.62 2.11 2.26
N ALA A 32 0.00 1.60 3.28
CA ALA A 32 0.81 2.45 4.20
C ALA A 32 1.94 1.61 4.80
N VAL A 33 2.76 2.18 5.65
CA VAL A 33 3.87 1.38 6.26
C VAL A 33 3.29 0.37 7.25
N GLU A 34 3.47 -0.90 6.99
CA GLU A 34 2.92 -1.94 7.92
C GLU A 34 3.62 -1.89 9.29
N ALA A 35 2.93 -2.30 10.33
CA ALA A 35 3.53 -2.27 11.71
C ALA A 35 4.16 -0.90 12.01
N PRO A 36 3.31 0.11 12.04
CA PRO A 36 3.78 1.49 12.32
C PRO A 36 4.17 1.64 13.81
N ASP A 1 10.89 0.75 -11.44
CA ASP A 1 10.36 1.88 -10.62
C ASP A 1 9.35 2.70 -11.44
N GLY A 2 8.52 3.47 -10.78
CA GLY A 2 7.51 4.29 -11.51
C GLY A 2 6.10 3.77 -11.22
N GLU A 3 5.93 2.46 -11.21
CA GLU A 3 4.58 1.87 -10.93
C GLU A 3 4.40 1.65 -9.42
N CYS A 4 4.56 2.67 -8.62
CA CYS A 4 4.39 2.52 -7.14
C CYS A 4 3.31 3.48 -6.64
N GLY A 5 2.70 3.17 -5.52
CA GLY A 5 1.63 4.06 -4.98
C GLY A 5 2.25 5.24 -4.22
N GLY A 6 1.96 5.39 -2.96
CA GLY A 6 2.53 6.52 -2.17
C GLY A 6 2.62 6.14 -0.69
N PHE A 7 2.36 7.07 0.20
CA PHE A 7 2.42 6.75 1.66
C PHE A 7 1.06 6.28 2.18
N TRP A 8 -0.01 6.86 1.71
CA TRP A 8 -1.37 6.44 2.17
C TRP A 8 -2.33 6.42 0.98
N TRP A 9 -2.20 5.43 0.13
CA TRP A 9 -3.10 5.32 -1.06
C TRP A 9 -4.18 4.27 -0.79
N LYS A 10 -5.32 4.37 -1.45
CA LYS A 10 -6.40 3.38 -1.20
C LYS A 10 -6.29 2.16 -2.13
N CYS A 11 -6.39 0.98 -1.57
CA CYS A 11 -6.32 -0.25 -2.41
C CYS A 11 -7.13 -1.39 -1.77
N GLY A 12 -7.25 -2.51 -2.44
CA GLY A 12 -8.01 -3.65 -1.87
C GLY A 12 -7.04 -4.62 -1.20
N ARG A 13 -6.92 -5.82 -1.71
CA ARG A 13 -5.99 -6.82 -1.11
C ARG A 13 -4.60 -6.70 -1.78
N GLY A 14 -4.18 -5.50 -2.08
CA GLY A 14 -2.85 -5.31 -2.74
C GLY A 14 -3.02 -5.32 -4.26
N LYS A 15 -4.12 -4.79 -4.76
CA LYS A 15 -4.33 -4.76 -6.25
C LYS A 15 -3.31 -3.83 -6.91
N PRO A 16 -3.33 -2.57 -6.53
CA PRO A 16 -2.37 -1.59 -7.08
C PRO A 16 -0.97 -1.81 -6.47
N PRO A 17 0.02 -1.70 -7.32
CA PRO A 17 1.43 -1.90 -6.86
C PRO A 17 1.89 -0.73 -5.97
N CYS A 18 2.17 -1.00 -4.73
CA CYS A 18 2.64 0.10 -3.81
C CYS A 18 4.15 0.29 -3.95
N CYS A 19 4.72 1.25 -3.28
CA CYS A 19 6.19 1.48 -3.37
C CYS A 19 6.93 0.60 -2.35
N LYS A 20 8.22 0.46 -2.50
CA LYS A 20 9.00 -0.40 -1.55
C LYS A 20 8.81 0.07 -0.10
N GLY A 21 8.42 -0.84 0.77
CA GLY A 21 8.22 -0.47 2.21
C GLY A 21 6.73 -0.24 2.49
N TYR A 22 5.96 0.07 1.48
CA TYR A 22 4.50 0.32 1.69
C TYR A 22 3.71 -0.96 1.38
N ALA A 23 2.86 -1.38 2.28
CA ALA A 23 2.05 -2.61 2.05
C ALA A 23 0.55 -2.27 2.05
N CYS A 24 -0.24 -3.01 1.33
CA CYS A 24 -1.71 -2.70 1.27
C CYS A 24 -2.44 -3.45 2.39
N SER A 25 -3.61 -2.98 2.76
CA SER A 25 -4.39 -3.63 3.84
C SER A 25 -5.86 -3.79 3.44
N LYS A 26 -6.32 -5.01 3.27
CA LYS A 26 -7.75 -5.22 2.89
C LYS A 26 -8.65 -4.88 4.08
N THR A 27 -8.21 -5.19 5.28
CA THR A 27 -9.03 -4.87 6.49
C THR A 27 -9.26 -3.36 6.61
N TRP A 28 -8.23 -2.59 6.34
CA TRP A 28 -8.35 -1.11 6.42
C TRP A 28 -8.89 -0.57 5.09
N GLY A 29 -8.19 -0.85 4.01
CA GLY A 29 -8.66 -0.38 2.67
C GLY A 29 -7.63 0.56 2.02
N TRP A 30 -6.38 0.52 2.44
CA TRP A 30 -5.36 1.43 1.81
C TRP A 30 -3.96 0.81 1.85
N CYS A 31 -2.97 1.56 1.43
CA CYS A 31 -1.56 1.05 1.43
C CYS A 31 -0.65 2.05 2.14
N ALA A 32 0.12 1.57 3.10
CA ALA A 32 1.05 2.47 3.84
C ALA A 32 2.27 1.68 4.32
N VAL A 33 3.25 2.36 4.90
CA VAL A 33 4.47 1.65 5.39
C VAL A 33 4.06 0.57 6.41
N GLU A 34 4.85 -0.48 6.53
CA GLU A 34 4.52 -1.56 7.49
C GLU A 34 4.94 -1.15 8.91
N ALA A 35 4.02 -0.61 9.67
CA ALA A 35 4.36 -0.18 11.07
C ALA A 35 3.09 -0.17 11.95
N PRO A 36 3.29 -0.45 13.22
CA PRO A 36 2.16 -0.46 14.18
C PRO A 36 1.65 0.97 14.46
N ASP A 1 9.03 2.26 -15.21
CA ASP A 1 7.95 2.74 -14.31
C ASP A 1 8.15 2.18 -12.90
N GLY A 2 8.14 3.03 -11.90
CA GLY A 2 8.33 2.56 -10.49
C GLY A 2 7.07 1.84 -10.01
N GLU A 3 7.22 0.66 -9.46
CA GLU A 3 6.03 -0.10 -8.96
C GLU A 3 5.75 0.25 -7.50
N CYS A 4 5.62 1.53 -7.20
CA CYS A 4 5.34 1.95 -5.79
C CYS A 4 4.15 2.91 -5.75
N GLY A 5 3.50 3.03 -4.62
CA GLY A 5 2.34 3.95 -4.51
C GLY A 5 2.76 5.19 -3.71
N GLY A 6 2.28 5.33 -2.51
CA GLY A 6 2.66 6.51 -1.68
C GLY A 6 2.55 6.16 -0.19
N PHE A 7 2.43 7.16 0.65
CA PHE A 7 2.32 6.89 2.13
C PHE A 7 0.88 6.51 2.50
N TRP A 8 -0.10 7.05 1.82
CA TRP A 8 -1.52 6.72 2.14
C TRP A 8 -2.33 6.62 0.84
N TRP A 9 -2.21 5.53 0.14
CA TRP A 9 -2.96 5.36 -1.14
C TRP A 9 -4.07 4.32 -0.94
N LYS A 10 -5.11 4.36 -1.74
CA LYS A 10 -6.22 3.38 -1.55
C LYS A 10 -5.97 2.11 -2.38
N CYS A 11 -6.17 0.96 -1.77
CA CYS A 11 -5.96 -0.32 -2.50
C CYS A 11 -6.87 -1.41 -1.93
N GLY A 12 -7.01 -2.52 -2.63
CA GLY A 12 -7.88 -3.62 -2.13
C GLY A 12 -7.05 -4.55 -1.23
N ARG A 13 -6.80 -5.76 -1.67
CA ARG A 13 -5.99 -6.70 -0.86
C ARG A 13 -4.49 -6.57 -1.23
N GLY A 14 -4.08 -5.40 -1.66
CA GLY A 14 -2.66 -5.20 -2.05
C GLY A 14 -2.52 -5.27 -3.58
N LYS A 15 -3.51 -4.79 -4.30
CA LYS A 15 -3.43 -4.83 -5.80
C LYS A 15 -2.26 -3.96 -6.30
N PRO A 16 -2.32 -2.68 -6.01
CA PRO A 16 -1.24 -1.76 -6.42
C PRO A 16 -0.02 -1.95 -5.54
N PRO A 17 1.13 -2.13 -6.15
CA PRO A 17 2.38 -2.34 -5.38
C PRO A 17 2.80 -1.04 -4.70
N CYS A 18 2.80 -1.01 -3.39
CA CYS A 18 3.20 0.22 -2.66
C CYS A 18 4.73 0.30 -2.56
N CYS A 19 5.25 1.40 -2.09
CA CYS A 19 6.74 1.54 -1.96
C CYS A 19 7.26 0.52 -0.95
N LYS A 20 8.47 0.04 -1.14
CA LYS A 20 9.05 -0.97 -0.20
C LYS A 20 8.92 -0.50 1.26
N GLY A 21 8.47 -1.38 2.12
CA GLY A 21 8.30 -1.00 3.56
C GLY A 21 6.82 -0.74 3.85
N TYR A 22 6.07 -0.32 2.86
CA TYR A 22 4.62 -0.04 3.07
C TYR A 22 3.79 -1.30 2.79
N ALA A 23 2.63 -1.41 3.40
CA ALA A 23 1.77 -2.61 3.16
C ALA A 23 0.31 -2.17 2.98
N CYS A 24 -0.46 -2.93 2.23
CA CYS A 24 -1.89 -2.55 2.02
C CYS A 24 -2.76 -3.17 3.11
N SER A 25 -3.96 -2.68 3.27
CA SER A 25 -4.87 -3.24 4.32
C SER A 25 -6.25 -3.52 3.72
N LYS A 26 -6.54 -4.75 3.42
CA LYS A 26 -7.88 -5.11 2.85
C LYS A 26 -8.98 -4.73 3.84
N THR A 27 -8.72 -4.84 5.12
CA THR A 27 -9.73 -4.49 6.16
C THR A 27 -9.97 -2.98 6.19
N TRP A 28 -8.91 -2.21 6.06
CA TRP A 28 -9.05 -0.73 6.09
C TRP A 28 -9.46 -0.21 4.70
N GLY A 29 -8.73 -0.60 3.68
CA GLY A 29 -9.06 -0.16 2.30
C GLY A 29 -7.97 0.75 1.73
N TRP A 30 -6.77 0.74 2.28
CA TRP A 30 -5.70 1.62 1.72
C TRP A 30 -4.31 1.02 1.97
N CYS A 31 -3.27 1.78 1.69
CA CYS A 31 -1.88 1.29 1.88
C CYS A 31 -1.03 2.33 2.63
N ALA A 32 -0.34 1.90 3.64
CA ALA A 32 0.52 2.85 4.42
C ALA A 32 1.74 2.11 4.99
N VAL A 33 2.56 2.77 5.76
CA VAL A 33 3.76 2.09 6.34
C VAL A 33 3.32 1.12 7.44
N GLU A 34 3.08 -0.12 7.10
CA GLU A 34 2.64 -1.12 8.11
C GLU A 34 3.75 -2.12 8.41
N ALA A 35 4.60 -2.41 7.46
CA ALA A 35 5.72 -3.38 7.70
C ALA A 35 6.95 -2.66 8.29
N PRO A 36 7.75 -3.40 8.99
CA PRO A 36 8.97 -2.82 9.61
C PRO A 36 10.02 -2.48 8.53
N ASP A 1 11.92 1.11 -9.63
CA ASP A 1 10.93 2.23 -9.58
C ASP A 1 10.06 2.24 -10.83
N GLY A 2 8.80 2.60 -10.70
CA GLY A 2 7.91 2.64 -11.89
C GLY A 2 6.45 2.62 -11.43
N GLU A 3 5.96 1.49 -10.99
CA GLU A 3 4.54 1.40 -10.53
C GLU A 3 4.50 1.28 -8.99
N CYS A 4 4.32 2.39 -8.32
CA CYS A 4 4.25 2.36 -6.82
C CYS A 4 3.16 3.32 -6.34
N GLY A 5 2.62 3.07 -5.17
CA GLY A 5 1.54 3.95 -4.63
C GLY A 5 2.16 5.13 -3.87
N GLY A 6 1.76 5.33 -2.64
CA GLY A 6 2.33 6.45 -1.84
C GLY A 6 2.42 6.04 -0.37
N PHE A 7 2.28 6.96 0.55
CA PHE A 7 2.37 6.61 2.00
C PHE A 7 0.99 6.16 2.53
N TRP A 8 -0.07 6.62 1.94
CA TRP A 8 -1.44 6.22 2.41
C TRP A 8 -2.42 6.25 1.25
N TRP A 9 -2.27 5.35 0.31
CA TRP A 9 -3.19 5.32 -0.88
C TRP A 9 -4.30 4.29 -0.64
N LYS A 10 -5.39 4.38 -1.35
CA LYS A 10 -6.51 3.40 -1.12
C LYS A 10 -6.36 2.17 -2.02
N CYS A 11 -6.46 1.00 -1.46
CA CYS A 11 -6.35 -0.24 -2.27
C CYS A 11 -7.16 -1.38 -1.62
N GLY A 12 -7.17 -2.54 -2.23
CA GLY A 12 -7.93 -3.69 -1.65
C GLY A 12 -6.95 -4.62 -0.92
N ARG A 13 -6.89 -5.86 -1.32
CA ARG A 13 -5.95 -6.82 -0.66
C ARG A 13 -4.59 -6.82 -1.38
N GLY A 14 -4.00 -5.67 -1.54
CA GLY A 14 -2.67 -5.59 -2.23
C GLY A 14 -2.88 -5.68 -3.75
N LYS A 15 -3.94 -5.09 -4.26
CA LYS A 15 -4.19 -5.15 -5.73
C LYS A 15 -3.18 -4.28 -6.49
N PRO A 16 -3.14 -3.02 -6.16
CA PRO A 16 -2.19 -2.08 -6.81
C PRO A 16 -0.77 -2.29 -6.24
N PRO A 17 0.22 -2.17 -7.09
CA PRO A 17 1.62 -2.35 -6.66
C PRO A 17 2.10 -1.16 -5.84
N CYS A 18 2.10 -1.26 -4.54
CA CYS A 18 2.57 -0.12 -3.69
C CYS A 18 4.08 0.04 -3.84
N CYS A 19 4.67 1.03 -3.22
CA CYS A 19 6.15 1.22 -3.35
C CYS A 19 6.87 0.26 -2.39
N LYS A 20 8.14 0.01 -2.61
CA LYS A 20 8.90 -0.91 -1.72
C LYS A 20 8.81 -0.45 -0.27
N GLY A 21 8.29 -1.28 0.61
CA GLY A 21 8.16 -0.89 2.04
C GLY A 21 6.70 -0.58 2.39
N TYR A 22 5.85 -0.38 1.40
CA TYR A 22 4.42 -0.06 1.70
C TYR A 22 3.55 -1.31 1.49
N ALA A 23 2.70 -1.61 2.43
CA ALA A 23 1.82 -2.81 2.30
C ALA A 23 0.35 -2.39 2.28
N CYS A 24 -0.47 -3.10 1.56
CA CYS A 24 -1.92 -2.74 1.49
C CYS A 24 -2.69 -3.45 2.61
N SER A 25 -3.84 -2.94 2.97
CA SER A 25 -4.63 -3.58 4.06
C SER A 25 -6.08 -3.80 3.61
N LYS A 26 -6.51 -5.04 3.56
CA LYS A 26 -7.92 -5.34 3.15
C LYS A 26 -8.90 -4.86 4.22
N THR A 27 -8.52 -5.02 5.47
CA THR A 27 -9.41 -4.58 6.60
C THR A 27 -9.44 -3.05 6.68
N TRP A 28 -8.32 -2.41 6.48
CA TRP A 28 -8.25 -0.92 6.53
C TRP A 28 -8.79 -0.33 5.23
N GLY A 29 -8.33 -0.82 4.11
CA GLY A 29 -8.81 -0.31 2.80
C GLY A 29 -7.77 0.63 2.16
N TRP A 30 -6.52 0.58 2.59
CA TRP A 30 -5.50 1.48 1.98
C TRP A 30 -4.10 0.85 2.04
N CYS A 31 -3.11 1.54 1.55
CA CYS A 31 -1.71 1.02 1.58
C CYS A 31 -0.78 1.99 2.29
N ALA A 32 -0.01 1.51 3.23
CA ALA A 32 0.93 2.40 3.96
C ALA A 32 2.19 1.62 4.38
N VAL A 33 3.21 2.30 4.85
CA VAL A 33 4.47 1.59 5.26
C VAL A 33 4.17 0.59 6.38
N GLU A 34 5.02 -0.41 6.54
CA GLU A 34 4.79 -1.42 7.60
C GLU A 34 5.58 -1.06 8.88
N ALA A 35 5.73 0.21 9.16
CA ALA A 35 6.47 0.63 10.40
C ALA A 35 5.65 0.31 11.65
N PRO A 36 4.40 0.74 11.68
CA PRO A 36 3.52 0.48 12.85
C PRO A 36 3.09 -1.00 12.88
N ASP A 1 4.30 -4.58 -13.99
CA ASP A 1 4.15 -3.20 -13.45
C ASP A 1 5.15 -2.95 -12.31
N GLY A 2 5.86 -1.85 -12.36
CA GLY A 2 6.85 -1.53 -11.29
C GLY A 2 6.69 -0.07 -10.85
N GLU A 3 5.62 0.24 -10.18
CA GLU A 3 5.39 1.64 -9.72
C GLU A 3 5.26 1.69 -8.19
N CYS A 4 5.28 2.86 -7.61
CA CYS A 4 5.14 2.97 -6.13
C CYS A 4 3.96 3.89 -5.77
N GLY A 5 3.40 3.73 -4.61
CA GLY A 5 2.25 4.58 -4.19
C GLY A 5 2.76 5.77 -3.38
N GLY A 6 2.30 5.89 -2.15
CA GLY A 6 2.75 7.03 -1.29
C GLY A 6 2.84 6.55 0.15
N PHE A 7 2.62 7.42 1.10
CA PHE A 7 2.68 7.01 2.55
C PHE A 7 1.31 6.51 3.03
N TRP A 8 0.26 6.80 2.31
CA TRP A 8 -1.10 6.33 2.73
C TRP A 8 -2.06 6.36 1.52
N TRP A 9 -1.83 5.52 0.56
CA TRP A 9 -2.73 5.49 -0.65
C TRP A 9 -3.80 4.40 -0.49
N LYS A 10 -4.74 4.33 -1.39
CA LYS A 10 -5.81 3.29 -1.28
C LYS A 10 -5.45 2.05 -2.09
N CYS A 11 -5.60 0.89 -1.51
CA CYS A 11 -5.30 -0.37 -2.25
C CYS A 11 -6.16 -1.53 -1.74
N GLY A 12 -6.32 -2.57 -2.53
CA GLY A 12 -7.16 -3.72 -2.09
C GLY A 12 -6.25 -4.78 -1.45
N ARG A 13 -6.19 -5.96 -2.02
CA ARG A 13 -5.32 -7.03 -1.45
C ARG A 13 -3.92 -6.96 -2.10
N GLY A 14 -3.38 -5.76 -2.25
CA GLY A 14 -2.04 -5.61 -2.87
C GLY A 14 -2.20 -5.40 -4.38
N LYS A 15 -3.18 -4.63 -4.80
CA LYS A 15 -3.38 -4.38 -6.26
C LYS A 15 -2.34 -3.36 -6.76
N PRO A 16 -2.42 -2.15 -6.26
CA PRO A 16 -1.46 -1.10 -6.66
C PRO A 16 -0.09 -1.36 -6.01
N PRO A 17 0.95 -1.26 -6.80
CA PRO A 17 2.32 -1.51 -6.26
C PRO A 17 2.76 -0.34 -5.38
N CYS A 18 2.88 -0.55 -4.09
CA CYS A 18 3.32 0.55 -3.17
C CYS A 18 4.83 0.76 -3.29
N CYS A 19 5.37 1.70 -2.55
CA CYS A 19 6.84 1.96 -2.62
C CYS A 19 7.58 1.06 -1.62
N LYS A 20 8.82 0.70 -1.92
CA LYS A 20 9.60 -0.18 -1.01
C LYS A 20 9.57 0.37 0.43
N GLY A 21 9.04 -0.39 1.35
CA GLY A 21 8.97 0.07 2.77
C GLY A 21 7.51 0.13 3.21
N TYR A 22 6.62 0.52 2.34
CA TYR A 22 5.17 0.61 2.72
C TYR A 22 4.45 -0.71 2.36
N ALA A 23 3.41 -1.03 3.08
CA ALA A 23 2.65 -2.29 2.80
C ALA A 23 1.16 -1.98 2.61
N CYS A 24 0.51 -2.73 1.75
CA CYS A 24 -0.95 -2.48 1.51
C CYS A 24 -1.80 -3.29 2.48
N SER A 25 -3.03 -2.91 2.67
CA SER A 25 -3.93 -3.63 3.60
C SER A 25 -5.35 -3.72 3.04
N LYS A 26 -5.83 -4.90 2.77
CA LYS A 26 -7.22 -5.05 2.23
C LYS A 26 -8.22 -4.79 3.36
N THR A 27 -7.92 -5.26 4.54
CA THR A 27 -8.85 -5.03 5.70
C THR A 27 -8.94 -3.53 5.99
N TRP A 28 -7.83 -2.85 5.90
CA TRP A 28 -7.83 -1.37 6.14
C TRP A 28 -8.33 -0.65 4.89
N GLY A 29 -7.94 -1.12 3.73
CA GLY A 29 -8.38 -0.50 2.45
C GLY A 29 -7.34 0.50 1.95
N TRP A 30 -6.14 0.49 2.49
CA TRP A 30 -5.10 1.45 2.00
C TRP A 30 -3.69 0.87 2.16
N CYS A 31 -2.70 1.60 1.71
CA CYS A 31 -1.28 1.14 1.82
C CYS A 31 -0.44 2.19 2.52
N ALA A 32 0.19 1.84 3.61
CA ALA A 32 1.03 2.81 4.36
C ALA A 32 2.30 2.13 4.86
N VAL A 33 3.15 2.85 5.57
CA VAL A 33 4.41 2.24 6.08
C VAL A 33 4.10 1.11 7.07
N GLU A 34 5.01 0.18 7.25
CA GLU A 34 4.77 -0.94 8.21
C GLU A 34 4.41 -0.40 9.59
N ALA A 35 3.14 -0.43 9.95
CA ALA A 35 2.72 0.09 11.28
C ALA A 35 1.32 -0.44 11.64
N PRO A 36 1.10 -0.63 12.92
CA PRO A 36 -0.21 -1.14 13.41
C PRO A 36 -1.30 -0.07 13.22
N ASP A 1 6.72 5.03 -14.91
CA ASP A 1 7.73 5.52 -13.92
C ASP A 1 7.78 4.56 -12.72
N GLY A 2 8.23 3.34 -12.93
CA GLY A 2 8.31 2.36 -11.81
C GLY A 2 6.91 1.93 -11.40
N GLU A 3 6.73 1.48 -10.18
CA GLU A 3 5.38 1.06 -9.70
C GLU A 3 5.32 1.07 -8.17
N CYS A 4 5.01 2.21 -7.59
CA CYS A 4 4.92 2.31 -6.11
C CYS A 4 3.81 3.28 -5.70
N GLY A 5 3.27 3.10 -4.53
CA GLY A 5 2.17 4.01 -4.06
C GLY A 5 2.77 5.11 -3.19
N GLY A 6 2.23 5.31 -2.01
CA GLY A 6 2.76 6.38 -1.10
C GLY A 6 2.60 5.93 0.36
N PHE A 7 2.50 6.86 1.27
CA PHE A 7 2.35 6.49 2.72
C PHE A 7 0.89 6.11 3.03
N TRP A 8 -0.06 6.68 2.33
CA TRP A 8 -1.49 6.35 2.59
C TRP A 8 -2.30 6.46 1.28
N TRP A 9 -2.15 5.49 0.41
CA TRP A 9 -2.90 5.50 -0.89
C TRP A 9 -4.04 4.49 -0.83
N LYS A 10 -4.84 4.37 -1.86
CA LYS A 10 -5.96 3.39 -1.83
C LYS A 10 -5.51 2.04 -2.40
N CYS A 11 -5.84 0.97 -1.72
CA CYS A 11 -5.45 -0.38 -2.21
C CYS A 11 -6.45 -1.44 -1.72
N GLY A 12 -6.46 -2.59 -2.33
CA GLY A 12 -7.40 -3.67 -1.90
C GLY A 12 -6.61 -4.71 -1.10
N ARG A 13 -6.56 -5.93 -1.57
CA ARG A 13 -5.80 -6.99 -0.83
C ARG A 13 -4.35 -7.06 -1.35
N GLY A 14 -3.80 -5.95 -1.79
CA GLY A 14 -2.41 -5.93 -2.32
C GLY A 14 -2.43 -5.92 -3.86
N LYS A 15 -3.37 -5.22 -4.44
CA LYS A 15 -3.44 -5.16 -5.94
C LYS A 15 -2.36 -4.22 -6.50
N PRO A 16 -2.46 -2.95 -6.16
CA PRO A 16 -1.46 -1.95 -6.63
C PRO A 16 -0.13 -2.17 -5.91
N PRO A 17 0.94 -2.13 -6.65
CA PRO A 17 2.29 -2.32 -6.07
C PRO A 17 2.70 -1.11 -5.23
N CYS A 18 2.58 -1.20 -3.93
CA CYS A 18 2.99 -0.05 -3.06
C CYS A 18 4.52 0.05 -3.03
N CYS A 19 5.07 1.12 -2.50
CA CYS A 19 6.55 1.25 -2.46
C CYS A 19 7.16 0.12 -1.62
N LYS A 20 8.35 -0.32 -1.96
CA LYS A 20 9.01 -1.42 -1.21
C LYS A 20 9.02 -1.11 0.30
N GLY A 21 8.41 -1.95 1.09
CA GLY A 21 8.36 -1.72 2.56
C GLY A 21 6.92 -1.40 3.00
N TYR A 22 6.10 -0.94 2.09
CA TYR A 22 4.69 -0.61 2.45
C TYR A 22 3.79 -1.84 2.27
N ALA A 23 2.67 -1.86 2.94
CA ALA A 23 1.75 -3.03 2.83
C ALA A 23 0.31 -2.53 2.61
N CYS A 24 -0.50 -3.31 1.95
CA CYS A 24 -1.90 -2.88 1.69
C CYS A 24 -2.82 -3.34 2.83
N SER A 25 -4.02 -2.82 2.88
CA SER A 25 -4.97 -3.20 3.97
C SER A 25 -6.34 -3.53 3.38
N LYS A 26 -6.66 -4.80 3.26
CA LYS A 26 -7.97 -5.21 2.70
C LYS A 26 -9.12 -4.76 3.62
N THR A 27 -8.88 -4.71 4.90
CA THR A 27 -9.95 -4.30 5.87
C THR A 27 -10.05 -2.77 5.96
N TRP A 28 -8.93 -2.09 5.88
CA TRP A 28 -8.94 -0.61 5.96
C TRP A 28 -9.34 0.01 4.62
N GLY A 29 -8.81 -0.51 3.54
CA GLY A 29 -9.17 0.01 2.19
C GLY A 29 -8.04 0.91 1.64
N TRP A 30 -6.85 0.84 2.20
CA TRP A 30 -5.73 1.69 1.68
C TRP A 30 -4.38 1.00 1.90
N CYS A 31 -3.31 1.62 1.46
CA CYS A 31 -1.95 1.03 1.63
C CYS A 31 -1.07 1.96 2.45
N ALA A 32 -0.32 1.44 3.39
CA ALA A 32 0.56 2.29 4.23
C ALA A 32 1.84 1.54 4.61
N VAL A 33 2.73 2.15 5.35
CA VAL A 33 3.99 1.46 5.75
C VAL A 33 3.70 0.43 6.85
N GLU A 34 4.49 -0.61 6.91
CA GLU A 34 4.26 -1.66 7.96
C GLU A 34 4.57 -1.12 9.36
N ALA A 35 5.44 -0.14 9.45
CA ALA A 35 5.79 0.44 10.78
C ALA A 35 4.57 1.14 11.41
N PRO A 36 4.53 1.14 12.72
CA PRO A 36 3.40 1.78 13.45
C PRO A 36 3.47 3.30 13.33
#